data_2N7R
#
_entry.id   2N7R
#
_entity_poly.entity_id   1
_entity_poly.type   'polypeptide(L)'
_entity_poly.pdbx_seq_one_letter_code
;MAHHHHHHASKELELITLTVGFGILIFSLIVTYCINAKADVLFIAPREPGAVSY
;
_entity_poly.pdbx_strand_id   A
#
# COMPACT_ATOMS: atom_id res chain seq x y z
N ALA A 9 14.49 13.62 -26.87
CA ALA A 9 14.71 14.34 -25.58
C ALA A 9 13.46 14.18 -24.71
N SER A 10 12.30 14.49 -25.27
CA SER A 10 11.05 14.38 -24.54
C SER A 10 10.76 12.92 -24.19
N LYS A 11 11.02 12.03 -25.13
CA LYS A 11 10.78 10.61 -24.91
C LYS A 11 11.64 10.11 -23.74
N GLU A 12 12.93 10.46 -23.77
CA GLU A 12 13.83 10.03 -22.72
C GLU A 12 13.30 10.45 -21.34
N LEU A 13 12.84 11.69 -21.25
CA LEU A 13 12.30 12.21 -20.00
C LEU A 13 11.04 11.45 -19.61
N GLU A 14 10.17 11.22 -20.59
CA GLU A 14 8.92 10.51 -20.34
C GLU A 14 9.21 9.14 -19.73
N LEU A 15 10.17 8.43 -20.30
CA LEU A 15 10.53 7.11 -19.80
C LEU A 15 10.99 7.19 -18.35
N ILE A 16 11.90 8.11 -18.07
CA ILE A 16 12.42 8.28 -16.71
C ILE A 16 11.27 8.52 -15.73
N THR A 17 10.36 9.40 -16.11
CA THR A 17 9.22 9.71 -15.26
C THR A 17 8.34 8.49 -15.07
N LEU A 18 8.10 7.76 -16.16
CA LEU A 18 7.28 6.57 -16.10
C LEU A 18 7.84 5.57 -15.09
N THR A 19 9.15 5.33 -15.18
CA THR A 19 9.80 4.40 -14.28
C THR A 19 9.61 4.83 -12.83
N VAL A 20 9.91 6.09 -12.55
CA VAL A 20 9.78 6.62 -11.20
C VAL A 20 8.33 6.55 -10.71
N GLY A 21 7.39 6.67 -11.65
CA GLY A 21 5.97 6.63 -11.32
C GLY A 21 5.53 5.22 -10.99
N PHE A 22 6.04 4.26 -11.75
CA PHE A 22 5.70 2.87 -11.53
C PHE A 22 6.37 2.36 -10.27
N GLY A 23 7.55 2.92 -9.99
CA GLY A 23 8.28 2.51 -8.79
C GLY A 23 7.60 3.02 -7.53
N ILE A 24 7.03 4.21 -7.61
CA ILE A 24 6.35 4.79 -6.46
C ILE A 24 5.07 4.02 -6.18
N LEU A 25 4.40 3.59 -7.24
CA LEU A 25 3.15 2.84 -7.10
C LEU A 25 3.41 1.51 -6.42
N ILE A 26 4.48 0.85 -6.80
CA ILE A 26 4.82 -0.44 -6.21
C ILE A 26 5.09 -0.29 -4.71
N PHE A 27 5.79 0.79 -4.35
CA PHE A 27 6.10 1.05 -2.95
C PHE A 27 4.83 1.26 -2.15
N SER A 28 3.91 2.03 -2.71
CA SER A 28 2.64 2.30 -2.03
C SER A 28 1.80 1.03 -1.92
N LEU A 29 1.78 0.24 -2.98
CA LEU A 29 1.02 -0.99 -2.98
C LEU A 29 1.47 -1.90 -1.85
N ILE A 30 2.78 -1.95 -1.62
CA ILE A 30 3.32 -2.79 -0.55
C ILE A 30 2.94 -2.24 0.81
N VAL A 31 2.89 -0.92 0.91
CA VAL A 31 2.55 -0.27 2.17
C VAL A 31 1.06 -0.48 2.50
N THR A 32 0.20 -0.19 1.53
CA THR A 32 -1.23 -0.36 1.74
C THR A 32 -1.57 -1.83 1.99
N TYR A 33 -0.83 -2.71 1.32
CA TYR A 33 -1.06 -4.14 1.48
C TYR A 33 -0.79 -4.58 2.91
N CYS A 34 0.36 -4.16 3.44
CA CYS A 34 0.73 -4.50 4.80
C CYS A 34 -0.32 -4.00 5.78
N ILE A 35 -0.89 -2.83 5.48
CA ILE A 35 -1.91 -2.26 6.36
C ILE A 35 -3.20 -3.06 6.27
N ASN A 36 -3.59 -3.44 5.05
CA ASN A 36 -4.80 -4.21 4.86
C ASN A 36 -4.81 -5.45 5.76
N ALA A 37 -3.65 -6.09 5.86
CA ALA A 37 -3.53 -7.29 6.70
C ALA A 37 -3.60 -6.92 8.18
N LYS A 38 -2.89 -5.87 8.55
CA LYS A 38 -2.87 -5.42 9.94
C LYS A 38 -4.27 -5.05 10.40
N ALA A 39 -5.14 -4.72 9.44
CA ALA A 39 -6.51 -4.33 9.77
C ALA A 39 -7.42 -5.55 9.81
N ASP A 40 -7.11 -6.53 8.98
CA ASP A 40 -7.92 -7.75 8.92
C ASP A 40 -7.70 -8.61 10.16
N VAL A 41 -6.57 -8.38 10.82
CA VAL A 41 -6.25 -9.13 12.03
C VAL A 41 -7.13 -8.68 13.19
N LEU A 42 -7.74 -7.51 13.06
CA LEU A 42 -8.59 -6.98 14.10
C LEU A 42 -10.06 -7.16 13.74
N PHE A 43 -10.43 -6.65 12.60
CA PHE A 43 -11.82 -6.74 12.12
C PHE A 43 -12.09 -8.11 11.52
N ILE A 44 -11.35 -9.11 11.97
CA ILE A 44 -11.51 -10.47 11.49
C ILE A 44 -12.98 -10.79 11.28
N ALA A 45 -13.59 -11.36 12.31
CA ALA A 45 -15.01 -11.72 12.24
C ALA A 45 -15.87 -10.68 12.98
N PRO A 46 -17.15 -10.65 12.71
CA PRO A 46 -18.08 -9.70 13.36
C PRO A 46 -17.79 -9.52 14.85
N ARG A 47 -17.98 -8.30 15.34
CA ARG A 47 -17.74 -8.00 16.75
C ARG A 47 -18.86 -8.56 17.61
N GLU A 48 -18.54 -8.88 18.86
CA GLU A 48 -19.52 -9.43 19.78
C GLU A 48 -19.77 -8.47 20.94
N PRO A 49 -20.86 -8.64 21.64
CA PRO A 49 -21.20 -7.77 22.80
C PRO A 49 -19.98 -7.44 23.67
N GLY A 50 -19.92 -6.20 24.13
CA GLY A 50 -18.80 -5.76 24.97
C GLY A 50 -17.83 -4.92 24.17
N ALA A 51 -17.62 -5.28 22.91
CA ALA A 51 -16.71 -4.53 22.04
C ALA A 51 -17.03 -3.04 22.08
N VAL A 52 -16.03 -2.22 21.80
CA VAL A 52 -16.22 -0.77 21.81
C VAL A 52 -16.55 -0.27 20.41
N SER A 53 -17.73 0.32 20.27
CA SER A 53 -18.17 0.83 18.98
C SER A 53 -17.37 2.07 18.60
N TYR A 54 -17.31 2.36 17.29
CA TYR A 54 -16.56 3.52 16.81
C TYR A 54 -17.30 4.80 17.17
N ALA A 9 15.54 13.78 -26.57
CA ALA A 9 15.74 13.97 -25.10
C ALA A 9 14.39 13.89 -24.39
N SER A 10 13.35 14.41 -25.05
CA SER A 10 12.02 14.41 -24.47
C SER A 10 11.58 12.99 -24.15
N LYS A 11 11.85 12.07 -25.07
CA LYS A 11 11.48 10.66 -24.87
C LYS A 11 12.20 10.09 -23.66
N GLU A 12 13.51 10.33 -23.58
CA GLU A 12 14.30 9.82 -22.47
C GLU A 12 13.72 10.30 -21.14
N LEU A 13 13.40 11.58 -21.05
CA LEU A 13 12.84 12.14 -19.84
C LEU A 13 11.51 11.45 -19.50
N GLU A 14 10.65 11.32 -20.48
CA GLU A 14 9.36 10.68 -20.28
C GLU A 14 9.54 9.24 -19.80
N LEU A 15 10.51 8.54 -20.38
CA LEU A 15 10.78 7.17 -20.01
C LEU A 15 11.15 7.07 -18.53
N ILE A 16 12.05 7.95 -18.09
CA ILE A 16 12.48 7.95 -16.70
C ILE A 16 11.33 8.34 -15.79
N THR A 17 10.49 9.26 -16.26
CA THR A 17 9.35 9.72 -15.47
C THR A 17 8.39 8.56 -15.22
N LEU A 18 8.07 7.81 -16.27
CA LEU A 18 7.16 6.67 -16.15
C LEU A 18 7.71 5.65 -15.15
N THR A 19 9.03 5.47 -15.16
CA THR A 19 9.66 4.52 -14.26
C THR A 19 9.41 4.91 -12.81
N VAL A 20 9.73 6.15 -12.46
CA VAL A 20 9.52 6.63 -11.10
C VAL A 20 8.04 6.55 -10.73
N GLY A 21 7.18 6.72 -11.71
CA GLY A 21 5.73 6.68 -11.48
C GLY A 21 5.29 5.26 -11.14
N PHE A 22 5.76 4.29 -11.91
CA PHE A 22 5.41 2.89 -11.68
C PHE A 22 6.09 2.38 -10.41
N GLY A 23 7.27 2.93 -10.12
CA GLY A 23 8.01 2.53 -8.93
C GLY A 23 7.32 3.01 -7.67
N ILE A 24 6.73 4.20 -7.75
CA ILE A 24 6.03 4.78 -6.59
C ILE A 24 4.72 4.04 -6.34
N LEU A 25 4.06 3.64 -7.43
CA LEU A 25 2.79 2.91 -7.32
C LEU A 25 3.00 1.58 -6.64
N ILE A 26 4.05 0.87 -7.03
CA ILE A 26 4.37 -0.43 -6.44
C ILE A 26 4.66 -0.29 -4.96
N PHE A 27 5.42 0.75 -4.61
CA PHE A 27 5.77 0.99 -3.21
C PHE A 27 4.51 1.30 -2.39
N SER A 28 3.67 2.18 -2.92
CA SER A 28 2.45 2.55 -2.23
C SER A 28 1.54 1.33 -2.04
N LEU A 29 1.46 0.50 -3.08
CA LEU A 29 0.63 -0.69 -3.03
C LEU A 29 1.07 -1.60 -1.88
N ILE A 30 2.39 -1.70 -1.69
CA ILE A 30 2.93 -2.54 -0.63
C ILE A 30 2.54 -1.99 0.74
N VAL A 31 2.51 -0.68 0.85
CA VAL A 31 2.15 -0.04 2.11
C VAL A 31 0.70 -0.34 2.47
N THR A 32 -0.20 -0.15 1.50
CA THR A 32 -1.62 -0.41 1.72
C THR A 32 -1.86 -1.89 1.99
N TYR A 33 -1.02 -2.74 1.38
CA TYR A 33 -1.15 -4.18 1.57
C TYR A 33 -0.80 -4.57 2.99
N CYS A 34 0.37 -4.12 3.45
CA CYS A 34 0.82 -4.44 4.80
C CYS A 34 -0.19 -3.96 5.83
N ILE A 35 -0.86 -2.84 5.53
CA ILE A 35 -1.86 -2.29 6.43
C ILE A 35 -3.10 -3.17 6.46
N ASN A 36 -3.61 -3.50 5.28
CA ASN A 36 -4.80 -4.34 5.18
C ASN A 36 -4.67 -5.56 6.09
N ALA A 37 -3.52 -6.23 6.01
CA ALA A 37 -3.28 -7.42 6.83
C ALA A 37 -3.31 -7.06 8.31
N LYS A 38 -2.55 -6.05 8.68
CA LYS A 38 -2.49 -5.61 10.08
C LYS A 38 -3.89 -5.21 10.56
N ALA A 39 -4.77 -4.89 9.62
CA ALA A 39 -6.13 -4.50 9.96
C ALA A 39 -7.04 -5.73 10.08
N ASP A 40 -6.78 -6.71 9.24
CA ASP A 40 -7.58 -7.94 9.25
C ASP A 40 -7.30 -8.75 10.53
N VAL A 41 -6.09 -8.62 11.05
CA VAL A 41 -5.71 -9.33 12.26
C VAL A 41 -6.67 -9.00 13.39
N LEU A 42 -7.56 -8.06 13.15
CA LEU A 42 -8.54 -7.65 14.17
C LEU A 42 -9.83 -8.45 14.02
N PHE A 43 -10.33 -8.50 12.81
CA PHE A 43 -11.57 -9.23 12.54
C PHE A 43 -11.33 -10.73 12.48
N ILE A 44 -10.06 -11.11 12.61
CA ILE A 44 -9.69 -12.52 12.60
C ILE A 44 -9.27 -12.98 13.99
N ALA A 45 -8.00 -13.32 14.13
CA ALA A 45 -7.47 -13.79 15.41
C ALA A 45 -6.76 -12.66 16.15
N PRO A 46 -6.57 -12.81 17.42
CA PRO A 46 -5.89 -11.79 18.27
C PRO A 46 -4.39 -11.69 17.96
N ARG A 47 -3.66 -11.00 18.82
CA ARG A 47 -2.22 -10.85 18.64
C ARG A 47 -1.53 -12.21 18.65
N GLU A 48 -0.47 -12.33 17.85
CA GLU A 48 0.26 -13.58 17.77
C GLU A 48 1.69 -13.41 18.31
N PRO A 49 2.33 -14.49 18.64
CA PRO A 49 3.74 -14.46 19.17
C PRO A 49 4.74 -14.03 18.11
N GLY A 50 4.26 -13.33 17.08
CA GLY A 50 5.13 -12.85 16.02
C GLY A 50 5.61 -14.02 15.15
N ALA A 51 6.35 -14.94 15.77
CA ALA A 51 6.86 -16.10 15.05
C ALA A 51 7.70 -16.97 15.97
N VAL A 52 7.77 -16.59 17.24
CA VAL A 52 8.54 -17.35 18.22
C VAL A 52 7.71 -17.61 19.48
N SER A 53 7.51 -18.88 19.79
CA SER A 53 6.74 -19.25 20.97
C SER A 53 7.65 -19.43 22.18
N TYR A 54 7.15 -19.07 23.36
CA TYR A 54 7.93 -19.19 24.59
C TYR A 54 7.64 -20.52 25.26
N ALA A 9 17.28 13.34 -24.70
CA ALA A 9 16.07 13.62 -25.52
C ALA A 9 14.83 13.59 -24.63
N SER A 10 13.77 14.22 -25.08
CA SER A 10 12.52 14.26 -24.31
C SER A 10 12.00 12.86 -24.10
N LYS A 11 12.09 12.02 -25.12
CA LYS A 11 11.61 10.64 -25.02
C LYS A 11 12.28 9.94 -23.84
N GLU A 12 13.58 10.12 -23.70
CA GLU A 12 14.33 9.50 -22.61
C GLU A 12 13.84 10.01 -21.27
N LEU A 13 13.65 11.32 -21.18
CA LEU A 13 13.18 11.94 -19.94
C LEU A 13 11.77 11.45 -19.60
N GLU A 14 10.96 11.25 -20.63
CA GLU A 14 9.59 10.80 -20.43
C GLU A 14 9.56 9.38 -19.86
N LEU A 15 10.37 8.51 -20.46
CA LEU A 15 10.44 7.13 -20.00
C LEU A 15 10.85 7.07 -18.54
N ILE A 16 11.79 7.93 -18.15
CA ILE A 16 12.27 7.97 -16.77
C ILE A 16 11.14 8.36 -15.84
N THR A 17 10.39 9.40 -16.21
CA THR A 17 9.29 9.86 -15.39
C THR A 17 8.28 8.73 -15.16
N LEU A 18 7.91 8.05 -16.24
CA LEU A 18 6.96 6.95 -16.14
C LEU A 18 7.45 5.90 -15.15
N THR A 19 8.71 5.52 -15.28
CA THR A 19 9.30 4.51 -14.40
C THR A 19 9.17 4.95 -12.95
N VAL A 20 9.55 6.20 -12.67
CA VAL A 20 9.48 6.73 -11.32
C VAL A 20 8.05 6.67 -10.79
N GLY A 21 7.09 6.87 -11.67
CA GLY A 21 5.69 6.85 -11.28
C GLY A 21 5.22 5.43 -10.98
N PHE A 22 5.63 4.50 -11.82
CA PHE A 22 5.27 3.11 -11.66
C PHE A 22 5.97 2.53 -10.43
N GLY A 23 7.18 3.03 -10.18
CA GLY A 23 7.95 2.56 -9.03
C GLY A 23 7.31 3.03 -7.73
N ILE A 24 6.80 4.25 -7.74
CA ILE A 24 6.17 4.81 -6.54
C ILE A 24 4.87 4.09 -6.25
N LEU A 25 4.18 3.66 -7.31
CA LEU A 25 2.93 2.95 -7.16
C LEU A 25 3.15 1.60 -6.48
N ILE A 26 4.21 0.91 -6.88
CA ILE A 26 4.53 -0.38 -6.30
C ILE A 26 4.83 -0.24 -4.82
N PHE A 27 5.54 0.83 -4.48
CA PHE A 27 5.90 1.08 -3.08
C PHE A 27 4.64 1.31 -2.26
N SER A 28 3.75 2.16 -2.76
CA SER A 28 2.51 2.44 -2.05
C SER A 28 1.64 1.20 -1.94
N LEU A 29 1.61 0.40 -3.00
CA LEU A 29 0.83 -0.82 -3.00
C LEU A 29 1.29 -1.75 -1.89
N ILE A 30 2.60 -1.82 -1.70
CA ILE A 30 3.15 -2.69 -0.66
C ILE A 30 2.78 -2.19 0.73
N VAL A 31 2.73 -0.87 0.89
CA VAL A 31 2.38 -0.27 2.16
C VAL A 31 0.89 -0.46 2.46
N THR A 32 0.07 -0.23 1.44
CA THR A 32 -1.37 -0.38 1.61
C THR A 32 -1.73 -1.84 1.93
N TYR A 33 -0.93 -2.76 1.41
CA TYR A 33 -1.16 -4.18 1.64
C TYR A 33 -0.83 -4.54 3.09
N CYS A 34 0.31 -4.05 3.57
CA CYS A 34 0.72 -4.32 4.93
C CYS A 34 -0.33 -3.83 5.93
N ILE A 35 -0.96 -2.70 5.60
CA ILE A 35 -1.98 -2.13 6.46
C ILE A 35 -3.22 -3.03 6.49
N ASN A 36 -3.65 -3.47 5.32
CA ASN A 36 -4.82 -4.34 5.22
C ASN A 36 -4.62 -5.59 6.08
N ALA A 37 -3.40 -6.08 6.12
CA ALA A 37 -3.10 -7.28 6.91
C ALA A 37 -3.23 -6.98 8.39
N LYS A 38 -2.68 -5.86 8.83
CA LYS A 38 -2.75 -5.47 10.23
C LYS A 38 -4.19 -5.21 10.64
N ALA A 39 -5.04 -4.94 9.66
CA ALA A 39 -6.45 -4.67 9.92
C ALA A 39 -7.26 -5.96 9.95
N ASP A 40 -6.86 -6.90 9.11
CA ASP A 40 -7.55 -8.19 9.04
C ASP A 40 -7.33 -9.00 10.31
N VAL A 41 -6.19 -8.76 10.94
CA VAL A 41 -5.85 -9.48 12.17
C VAL A 41 -6.89 -9.21 13.25
N LEU A 42 -7.85 -8.36 12.94
CA LEU A 42 -8.90 -8.02 13.90
C LEU A 42 -10.13 -8.89 13.69
N PHE A 43 -10.63 -8.85 12.48
CA PHE A 43 -11.82 -9.65 12.14
C PHE A 43 -11.43 -11.09 11.86
N ILE A 44 -10.14 -11.34 11.72
CA ILE A 44 -9.65 -12.68 11.45
C ILE A 44 -8.89 -13.22 12.66
N ALA A 45 -7.63 -13.60 12.43
CA ALA A 45 -6.81 -14.14 13.48
C ALA A 45 -6.86 -13.24 14.73
N PRO A 46 -6.49 -13.77 15.86
CA PRO A 46 -6.49 -12.99 17.14
C PRO A 46 -5.42 -11.91 17.16
N ARG A 47 -5.41 -11.11 18.22
CA ARG A 47 -4.44 -10.03 18.36
C ARG A 47 -3.19 -10.52 19.07
N GLU A 48 -2.06 -9.89 18.78
CA GLU A 48 -0.80 -10.29 19.38
C GLU A 48 -0.41 -9.31 20.49
N PRO A 49 0.38 -9.75 21.45
CA PRO A 49 0.83 -8.89 22.57
C PRO A 49 1.70 -7.72 22.10
N GLY A 50 2.59 -8.00 21.15
CA GLY A 50 3.47 -6.97 20.63
C GLY A 50 4.46 -6.50 21.69
N ALA A 51 4.43 -7.14 22.85
CA ALA A 51 5.32 -6.78 23.95
C ALA A 51 4.86 -5.48 24.61
N VAL A 52 3.58 -5.18 24.47
CA VAL A 52 3.03 -3.95 25.05
C VAL A 52 2.52 -4.22 26.46
N SER A 53 3.38 -4.02 27.46
CA SER A 53 3.00 -4.24 28.85
C SER A 53 3.01 -2.91 29.62
N TYR A 54 1.86 -2.58 30.21
CA TYR A 54 1.74 -1.35 30.97
C TYR A 54 0.98 -1.59 32.28
N ALA A 9 14.98 15.36 -25.93
CA ALA A 9 15.06 14.21 -25.00
C ALA A 9 13.70 13.99 -24.34
N SER A 10 12.66 14.57 -24.94
CA SER A 10 11.31 14.44 -24.40
C SER A 10 11.00 12.97 -24.11
N LYS A 11 11.45 12.09 -24.98
CA LYS A 11 11.21 10.66 -24.81
C LYS A 11 11.97 10.14 -23.60
N GLU A 12 13.25 10.49 -23.50
CA GLU A 12 14.06 10.04 -22.38
C GLU A 12 13.42 10.44 -21.06
N LEU A 13 12.89 11.65 -21.00
CA LEU A 13 12.24 12.13 -19.78
C LEU A 13 10.96 11.37 -19.52
N GLU A 14 10.19 11.13 -20.58
CA GLU A 14 8.93 10.40 -20.45
C GLU A 14 9.18 9.00 -19.90
N LEU A 15 10.21 8.34 -20.41
CA LEU A 15 10.53 6.99 -19.96
C LEU A 15 10.95 7.00 -18.49
N ILE A 16 11.84 7.91 -18.14
CA ILE A 16 12.32 8.01 -16.77
C ILE A 16 11.16 8.35 -15.82
N THR A 17 10.25 9.20 -16.30
CA THR A 17 9.11 9.60 -15.50
C THR A 17 8.21 8.39 -15.21
N LEU A 18 7.95 7.60 -16.24
CA LEU A 18 7.11 6.42 -16.09
C LEU A 18 7.73 5.44 -15.11
N THR A 19 9.05 5.33 -15.15
CA THR A 19 9.77 4.41 -14.26
C THR A 19 9.59 4.84 -12.80
N VAL A 20 9.81 6.12 -12.54
CA VAL A 20 9.67 6.64 -11.19
C VAL A 20 8.21 6.58 -10.73
N GLY A 21 7.30 6.70 -11.68
CA GLY A 21 5.87 6.67 -11.37
C GLY A 21 5.43 5.25 -11.01
N PHE A 22 5.92 4.27 -11.77
CA PHE A 22 5.57 2.89 -11.52
C PHE A 22 6.29 2.37 -10.29
N GLY A 23 7.48 2.91 -10.04
CA GLY A 23 8.26 2.50 -8.88
C GLY A 23 7.65 3.01 -7.60
N ILE A 24 7.13 4.23 -7.65
CA ILE A 24 6.50 4.83 -6.48
C ILE A 24 5.18 4.13 -6.15
N LEU A 25 4.45 3.76 -7.20
CA LEU A 25 3.17 3.09 -7.02
C LEU A 25 3.37 1.74 -6.34
N ILE A 26 4.40 1.02 -6.77
CA ILE A 26 4.69 -0.29 -6.20
C ILE A 26 5.02 -0.16 -4.72
N PHE A 27 5.77 0.88 -4.38
CA PHE A 27 6.15 1.12 -3.00
C PHE A 27 4.91 1.32 -2.13
N SER A 28 4.00 2.16 -2.59
CA SER A 28 2.77 2.43 -1.86
C SER A 28 1.88 1.20 -1.83
N LEU A 29 1.80 0.49 -2.95
CA LEU A 29 0.98 -0.70 -3.03
C LEU A 29 1.33 -1.67 -1.90
N ILE A 30 2.63 -1.87 -1.67
CA ILE A 30 3.08 -2.76 -0.62
C ILE A 30 2.68 -2.23 0.75
N VAL A 31 2.83 -0.92 0.93
CA VAL A 31 2.48 -0.29 2.19
C VAL A 31 0.99 -0.43 2.47
N THR A 32 0.17 -0.15 1.47
CA THR A 32 -1.28 -0.26 1.61
C THR A 32 -1.68 -1.70 1.85
N TYR A 33 -0.95 -2.63 1.24
CA TYR A 33 -1.25 -4.05 1.38
C TYR A 33 -0.96 -4.51 2.81
N CYS A 34 0.22 -4.15 3.31
CA CYS A 34 0.61 -4.53 4.66
C CYS A 34 -0.37 -3.96 5.68
N ILE A 35 -0.93 -2.80 5.37
CA ILE A 35 -1.88 -2.16 6.27
C ILE A 35 -3.18 -2.98 6.33
N ASN A 36 -3.69 -3.33 5.17
CA ASN A 36 -4.92 -4.12 5.09
C ASN A 36 -4.79 -5.39 5.92
N ALA A 37 -3.61 -6.00 5.87
CA ALA A 37 -3.36 -7.22 6.61
C ALA A 37 -3.46 -6.97 8.12
N LYS A 38 -2.75 -5.95 8.59
CA LYS A 38 -2.76 -5.61 10.01
C LYS A 38 -4.17 -5.21 10.44
N ALA A 39 -5.01 -4.87 9.48
CA ALA A 39 -6.39 -4.47 9.77
C ALA A 39 -7.30 -5.70 9.83
N ASP A 40 -6.97 -6.70 9.03
CA ASP A 40 -7.76 -7.92 8.99
C ASP A 40 -7.54 -8.76 10.24
N VAL A 41 -6.37 -8.58 10.85
CA VAL A 41 -6.04 -9.32 12.06
C VAL A 41 -6.99 -8.96 13.19
N LEU A 42 -7.79 -7.91 12.98
CA LEU A 42 -8.73 -7.46 13.99
C LEU A 42 -9.97 -8.35 14.00
N PHE A 43 -10.54 -8.54 12.84
CA PHE A 43 -11.73 -9.37 12.71
C PHE A 43 -11.38 -10.85 12.71
N ILE A 44 -10.09 -11.14 12.56
CA ILE A 44 -9.62 -12.51 12.55
C ILE A 44 -8.92 -12.85 13.87
N ALA A 45 -7.63 -13.13 13.78
CA ALA A 45 -6.86 -13.47 14.98
C ALA A 45 -7.14 -12.46 16.09
N PRO A 46 -6.82 -12.82 17.31
CA PRO A 46 -7.02 -11.94 18.49
C PRO A 46 -6.69 -10.48 18.18
N ARG A 47 -7.20 -9.58 19.02
CA ARG A 47 -6.94 -8.15 18.83
C ARG A 47 -5.48 -7.82 19.09
N GLU A 48 -4.84 -7.22 18.09
CA GLU A 48 -3.42 -6.88 18.21
C GLU A 48 -3.18 -6.08 19.49
N PRO A 49 -1.99 -6.16 20.04
CA PRO A 49 -1.62 -5.43 21.28
C PRO A 49 -2.22 -4.02 21.31
N GLY A 50 -2.18 -3.33 20.18
CA GLY A 50 -2.72 -1.98 20.09
C GLY A 50 -1.60 -0.94 20.13
N ALA A 51 -0.55 -1.26 20.88
CA ALA A 51 0.58 -0.34 21.00
C ALA A 51 1.73 -0.79 20.10
N VAL A 52 2.79 -1.30 20.72
CA VAL A 52 3.95 -1.76 19.96
C VAL A 52 3.83 -3.25 19.67
N SER A 53 4.26 -3.65 18.47
CA SER A 53 4.21 -5.06 18.08
C SER A 53 5.42 -5.81 18.60
N TYR A 54 5.28 -7.12 18.75
CA TYR A 54 6.38 -7.95 19.24
C TYR A 54 6.47 -9.24 18.44
N ALA A 9 15.74 16.04 -25.11
CA ALA A 9 15.75 14.77 -24.34
C ALA A 9 14.37 14.53 -23.74
N SER A 10 13.34 14.83 -24.53
CA SER A 10 11.96 14.64 -24.06
C SER A 10 11.67 13.15 -23.83
N LYS A 11 12.05 12.33 -24.80
CA LYS A 11 11.83 10.89 -24.71
C LYS A 11 12.45 10.34 -23.42
N GLU A 12 13.66 10.81 -23.11
CA GLU A 12 14.35 10.36 -21.91
C GLU A 12 13.57 10.73 -20.66
N LEU A 13 13.17 12.00 -20.57
CA LEU A 13 12.42 12.46 -19.41
C LEU A 13 11.14 11.65 -19.24
N GLU A 14 10.43 11.45 -20.35
CA GLU A 14 9.18 10.69 -20.31
C GLU A 14 9.42 9.29 -19.74
N LEU A 15 10.46 8.63 -20.23
CA LEU A 15 10.80 7.29 -19.77
C LEU A 15 11.13 7.30 -18.28
N ILE A 16 11.96 8.26 -17.87
CA ILE A 16 12.36 8.36 -16.48
C ILE A 16 11.13 8.55 -15.58
N THR A 17 10.25 9.46 -15.96
CA THR A 17 9.05 9.73 -15.18
C THR A 17 8.19 8.47 -15.08
N LEU A 18 8.01 7.80 -16.21
CA LEU A 18 7.20 6.59 -16.24
C LEU A 18 7.74 5.55 -15.27
N THR A 19 9.06 5.38 -15.26
CA THR A 19 9.69 4.42 -14.38
C THR A 19 9.46 4.80 -12.92
N VAL A 20 9.64 6.08 -12.60
CA VAL A 20 9.45 6.56 -11.25
C VAL A 20 8.00 6.36 -10.80
N GLY A 21 7.08 6.44 -11.75
CA GLY A 21 5.66 6.27 -11.45
C GLY A 21 5.33 4.81 -11.18
N PHE A 22 5.85 3.93 -12.02
CA PHE A 22 5.61 2.51 -11.87
C PHE A 22 6.28 2.00 -10.61
N GLY A 23 7.40 2.63 -10.27
CA GLY A 23 8.13 2.24 -9.07
C GLY A 23 7.39 2.70 -7.83
N ILE A 24 6.80 3.89 -7.90
CA ILE A 24 6.05 4.42 -6.77
C ILE A 24 4.76 3.64 -6.57
N LEU A 25 4.14 3.25 -7.67
CA LEU A 25 2.90 2.49 -7.61
C LEU A 25 3.12 1.16 -6.90
N ILE A 26 4.23 0.51 -7.22
CA ILE A 26 4.55 -0.77 -6.59
C ILE A 26 4.78 -0.58 -5.09
N PHE A 27 5.41 0.53 -4.74
CA PHE A 27 5.69 0.83 -3.34
C PHE A 27 4.40 1.15 -2.59
N SER A 28 3.56 1.97 -3.20
CA SER A 28 2.29 2.36 -2.57
C SER A 28 1.40 1.14 -2.38
N LEU A 29 1.43 0.22 -3.33
CA LEU A 29 0.64 -0.98 -3.25
C LEU A 29 1.09 -1.87 -2.09
N ILE A 30 2.40 -1.94 -1.89
CA ILE A 30 2.95 -2.76 -0.81
C ILE A 30 2.59 -2.16 0.54
N VAL A 31 2.51 -0.83 0.59
CA VAL A 31 2.16 -0.15 1.83
C VAL A 31 0.72 -0.42 2.21
N THR A 32 -0.17 -0.35 1.23
CA THR A 32 -1.58 -0.59 1.48
C THR A 32 -1.81 -2.05 1.86
N TYR A 33 -0.97 -2.93 1.31
CA TYR A 33 -1.09 -4.36 1.60
C TYR A 33 -0.75 -4.64 3.06
N CYS A 34 0.34 -4.05 3.52
CA CYS A 34 0.77 -4.25 4.91
C CYS A 34 -0.31 -3.75 5.87
N ILE A 35 -0.92 -2.61 5.53
CA ILE A 35 -1.96 -2.04 6.37
C ILE A 35 -3.18 -2.97 6.41
N ASN A 36 -3.59 -3.45 5.23
CA ASN A 36 -4.73 -4.34 5.15
C ASN A 36 -4.57 -5.52 6.10
N ALA A 37 -3.34 -6.04 6.18
CA ALA A 37 -3.06 -7.18 7.05
C ALA A 37 -3.16 -6.76 8.51
N LYS A 38 -2.50 -5.67 8.86
CA LYS A 38 -2.51 -5.18 10.23
C LYS A 38 -3.93 -4.86 10.68
N ALA A 39 -4.78 -4.51 9.71
CA ALA A 39 -6.16 -4.17 10.01
C ALA A 39 -7.02 -5.42 10.10
N ASP A 40 -6.67 -6.43 9.32
CA ASP A 40 -7.41 -7.69 9.32
C ASP A 40 -7.20 -8.43 10.63
N VAL A 41 -6.05 -8.21 11.25
CA VAL A 41 -5.74 -8.87 12.51
C VAL A 41 -6.75 -8.47 13.59
N LEU A 42 -7.70 -7.60 13.22
CA LEU A 42 -8.72 -7.16 14.17
C LEU A 42 -9.86 -8.14 14.24
N PHE A 43 -10.47 -8.38 13.10
CA PHE A 43 -11.60 -9.31 13.02
C PHE A 43 -11.12 -10.75 12.86
N ILE A 44 -9.85 -10.91 12.51
CA ILE A 44 -9.30 -12.24 12.32
C ILE A 44 -8.45 -12.65 13.52
N ALA A 45 -7.18 -12.94 13.26
CA ALA A 45 -6.27 -13.37 14.32
C ALA A 45 -6.37 -12.42 15.52
N PRO A 46 -5.92 -12.86 16.68
CA PRO A 46 -5.95 -12.05 17.92
C PRO A 46 -5.61 -10.58 17.66
N ARG A 47 -6.13 -9.71 18.51
CA ARG A 47 -5.86 -8.27 18.36
C ARG A 47 -4.37 -8.00 18.46
N GLU A 48 -3.93 -6.91 17.83
CA GLU A 48 -2.52 -6.54 17.85
C GLU A 48 -2.01 -6.43 19.28
N PRO A 49 -0.71 -6.46 19.47
CA PRO A 49 -0.09 -6.35 20.82
C PRO A 49 -0.79 -5.32 21.70
N GLY A 50 -1.19 -4.21 21.09
CA GLY A 50 -1.87 -3.15 21.83
C GLY A 50 -0.86 -2.16 22.39
N ALA A 51 0.25 -2.00 21.70
CA ALA A 51 1.30 -1.07 22.12
C ALA A 51 1.87 -1.46 23.47
N VAL A 52 1.97 -2.77 23.74
CA VAL A 52 2.50 -3.32 25.01
C VAL A 52 1.42 -4.06 25.78
N SER A 53 1.63 -5.34 26.04
CA SER A 53 0.64 -6.12 26.77
C SER A 53 0.60 -5.70 28.24
N TYR A 54 -0.51 -5.07 28.64
CA TYR A 54 -0.64 -4.63 30.02
C TYR A 54 -1.18 -5.75 30.90
N ALA A 9 15.87 14.85 -26.32
CA ALA A 9 16.11 14.09 -25.05
C ALA A 9 14.82 14.03 -24.25
N SER A 10 13.77 14.65 -24.78
CA SER A 10 12.47 14.65 -24.10
C SER A 10 12.03 13.23 -23.80
N LYS A 11 12.33 12.31 -24.72
CA LYS A 11 11.96 10.91 -24.54
C LYS A 11 12.68 10.32 -23.33
N GLU A 12 13.98 10.56 -23.25
CA GLU A 12 14.78 10.04 -22.14
C GLU A 12 14.15 10.44 -20.81
N LEU A 13 13.85 11.72 -20.66
CA LEU A 13 13.24 12.21 -19.43
C LEU A 13 11.88 11.54 -19.20
N GLU A 14 11.08 11.46 -20.27
CA GLU A 14 9.76 10.85 -20.17
C GLU A 14 9.88 9.38 -19.74
N LEU A 15 10.90 8.71 -20.26
CA LEU A 15 11.12 7.31 -19.92
C LEU A 15 11.36 7.14 -18.43
N ILE A 16 12.17 8.03 -17.87
CA ILE A 16 12.49 7.98 -16.44
C ILE A 16 11.25 8.27 -15.61
N THR A 17 10.44 9.22 -16.07
CA THR A 17 9.23 9.58 -15.35
C THR A 17 8.27 8.40 -15.29
N LEU A 18 8.04 7.76 -16.44
CA LEU A 18 7.16 6.61 -16.51
C LEU A 18 7.58 5.54 -15.50
N THR A 19 8.88 5.26 -15.47
CA THR A 19 9.39 4.26 -14.55
C THR A 19 9.21 4.70 -13.11
N VAL A 20 9.55 5.95 -12.82
CA VAL A 20 9.41 6.48 -11.47
C VAL A 20 7.95 6.47 -11.03
N GLY A 21 7.05 6.61 -11.99
CA GLY A 21 5.62 6.60 -11.70
C GLY A 21 5.14 5.20 -11.34
N PHE A 22 5.54 4.23 -12.15
CA PHE A 22 5.16 2.84 -11.92
C PHE A 22 5.82 2.31 -10.66
N GLY A 23 7.02 2.81 -10.39
CA GLY A 23 7.76 2.39 -9.20
C GLY A 23 7.12 2.93 -7.93
N ILE A 24 6.59 4.15 -8.02
CA ILE A 24 5.95 4.77 -6.87
C ILE A 24 4.64 4.08 -6.55
N LEU A 25 3.94 3.66 -7.58
CA LEU A 25 2.67 2.96 -7.41
C LEU A 25 2.88 1.64 -6.68
N ILE A 26 3.90 0.91 -7.09
CA ILE A 26 4.20 -0.38 -6.47
C ILE A 26 4.49 -0.19 -4.99
N PHE A 27 5.26 0.84 -4.67
CA PHE A 27 5.61 1.12 -3.27
C PHE A 27 4.35 1.40 -2.45
N SER A 28 3.46 2.22 -3.00
CA SER A 28 2.22 2.56 -2.31
C SER A 28 1.35 1.31 -2.15
N LEU A 29 1.26 0.51 -3.20
CA LEU A 29 0.45 -0.70 -3.15
C LEU A 29 0.91 -1.59 -2.00
N ILE A 30 2.22 -1.69 -1.81
CA ILE A 30 2.76 -2.52 -0.74
C ILE A 30 2.35 -1.97 0.62
N VAL A 31 2.34 -0.65 0.75
CA VAL A 31 1.96 -0.01 2.01
C VAL A 31 0.51 -0.30 2.34
N THR A 32 -0.37 -0.06 1.37
CA THR A 32 -1.79 -0.29 1.57
C THR A 32 -2.06 -1.78 1.79
N TYR A 33 -1.26 -2.63 1.16
CA TYR A 33 -1.42 -4.07 1.29
C TYR A 33 -1.08 -4.51 2.71
N CYS A 34 0.02 -4.00 3.24
CA CYS A 34 0.45 -4.34 4.59
C CYS A 34 -0.58 -3.89 5.61
N ILE A 35 -1.26 -2.79 5.30
CA ILE A 35 -2.28 -2.26 6.21
C ILE A 35 -3.51 -3.16 6.21
N ASN A 36 -3.95 -3.58 5.02
CA ASN A 36 -5.11 -4.43 4.90
C ASN A 36 -4.86 -5.77 5.58
N ALA A 37 -3.60 -6.18 5.63
CA ALA A 37 -3.24 -7.45 6.26
C ALA A 37 -3.22 -7.31 7.78
N LYS A 38 -2.52 -6.29 8.25
CA LYS A 38 -2.43 -6.06 9.69
C LYS A 38 -3.81 -5.77 10.28
N ALA A 39 -4.74 -5.35 9.43
CA ALA A 39 -6.09 -5.05 9.88
C ALA A 39 -6.76 -6.29 10.44
N ASP A 40 -6.13 -7.44 10.23
CA ASP A 40 -6.68 -8.71 10.71
C ASP A 40 -6.22 -8.97 12.14
N VAL A 41 -5.44 -8.04 12.69
CA VAL A 41 -4.94 -8.19 14.06
C VAL A 41 -5.78 -7.37 15.02
N LEU A 42 -6.48 -6.37 14.49
CA LEU A 42 -7.32 -5.51 15.31
C LEU A 42 -8.78 -5.89 15.19
N PHE A 43 -9.20 -6.11 13.97
CA PHE A 43 -10.59 -6.48 13.71
C PHE A 43 -10.83 -7.96 13.99
N ILE A 44 -9.86 -8.59 14.62
CA ILE A 44 -9.97 -10.02 14.96
C ILE A 44 -11.39 -10.36 15.37
N ALA A 45 -11.64 -10.32 16.67
CA ALA A 45 -12.97 -10.62 17.19
C ALA A 45 -13.78 -9.34 17.38
N PRO A 46 -15.09 -9.47 17.48
CA PRO A 46 -15.99 -8.31 17.69
C PRO A 46 -15.87 -7.72 19.09
N ARG A 47 -15.99 -6.40 19.19
CA ARG A 47 -15.89 -5.72 20.47
C ARG A 47 -17.00 -6.18 21.41
N GLU A 48 -16.63 -7.01 22.38
CA GLU A 48 -17.60 -7.52 23.33
C GLU A 48 -17.61 -6.67 24.61
N PRO A 49 -18.73 -6.61 25.29
CA PRO A 49 -18.87 -5.83 26.54
C PRO A 49 -17.61 -5.92 27.42
N GLY A 50 -17.00 -4.78 27.68
CA GLY A 50 -15.80 -4.73 28.52
C GLY A 50 -14.56 -5.11 27.69
N ALA A 51 -14.75 -5.98 26.71
CA ALA A 51 -13.66 -6.41 25.86
C ALA A 51 -12.40 -6.66 26.69
N VAL A 52 -12.44 -7.69 27.53
CA VAL A 52 -11.31 -8.03 28.38
C VAL A 52 -10.76 -9.41 28.01
N SER A 53 -9.57 -9.42 27.43
CA SER A 53 -8.94 -10.68 27.03
C SER A 53 -9.08 -11.72 28.13
N TYR A 54 -9.87 -12.76 27.87
CA TYR A 54 -10.10 -13.82 28.83
C TYR A 54 -8.79 -14.54 29.15
N ALA A 9 14.13 15.70 -28.15
CA ALA A 9 13.56 14.33 -27.99
C ALA A 9 12.63 14.31 -26.78
N SER A 10 13.23 14.42 -25.59
CA SER A 10 12.45 14.41 -24.36
C SER A 10 11.93 13.01 -24.06
N LYS A 11 12.23 12.07 -24.96
CA LYS A 11 11.79 10.69 -24.78
C LYS A 11 12.43 10.09 -23.54
N GLU A 12 13.70 10.41 -23.31
CA GLU A 12 14.41 9.90 -22.14
C GLU A 12 13.73 10.35 -20.86
N LEU A 13 13.51 11.66 -20.74
CA LEU A 13 12.85 12.21 -19.55
C LEU A 13 11.47 11.58 -19.36
N GLU A 14 10.73 11.44 -20.46
CA GLU A 14 9.40 10.85 -20.41
C GLU A 14 9.46 9.43 -19.86
N LEU A 15 10.37 8.63 -20.41
CA LEU A 15 10.51 7.25 -19.97
C LEU A 15 10.88 7.19 -18.49
N ILE A 16 11.77 8.08 -18.07
CA ILE A 16 12.20 8.12 -16.68
C ILE A 16 11.01 8.41 -15.76
N THR A 17 10.21 9.40 -16.13
CA THR A 17 9.04 9.75 -15.34
C THR A 17 8.07 8.58 -15.25
N LEU A 18 7.90 7.87 -16.36
CA LEU A 18 6.99 6.72 -16.40
C LEU A 18 7.45 5.65 -15.41
N THR A 19 8.76 5.40 -15.38
CA THR A 19 9.31 4.39 -14.49
C THR A 19 9.14 4.82 -13.03
N VAL A 20 9.33 6.12 -12.78
CA VAL A 20 9.19 6.66 -11.43
C VAL A 20 7.74 6.51 -10.95
N GLY A 21 6.81 6.61 -11.89
CA GLY A 21 5.39 6.49 -11.56
C GLY A 21 5.03 5.06 -11.19
N PHE A 22 5.52 4.11 -11.97
CA PHE A 22 5.26 2.70 -11.72
C PHE A 22 5.99 2.24 -10.46
N GLY A 23 7.16 2.81 -10.22
CA GLY A 23 7.95 2.44 -9.05
C GLY A 23 7.30 2.97 -7.78
N ILE A 24 6.73 4.17 -7.85
CA ILE A 24 6.07 4.77 -6.70
C ILE A 24 4.79 4.00 -6.37
N LEU A 25 4.10 3.54 -7.40
CA LEU A 25 2.86 2.79 -7.21
C LEU A 25 3.15 1.47 -6.52
N ILE A 26 4.25 0.82 -6.91
CA ILE A 26 4.63 -0.45 -6.31
C ILE A 26 4.94 -0.28 -4.82
N PHE A 27 5.65 0.79 -4.50
CA PHE A 27 6.01 1.06 -3.11
C PHE A 27 4.77 1.28 -2.26
N SER A 28 3.83 2.06 -2.78
CA SER A 28 2.59 2.33 -2.07
C SER A 28 1.77 1.06 -1.91
N LEU A 29 1.69 0.27 -2.98
CA LEU A 29 0.94 -0.98 -2.95
C LEU A 29 1.44 -1.87 -1.82
N ILE A 30 2.75 -1.90 -1.63
CA ILE A 30 3.35 -2.71 -0.58
C ILE A 30 2.96 -2.19 0.80
N VAL A 31 2.93 -0.87 0.94
CA VAL A 31 2.56 -0.26 2.21
C VAL A 31 1.08 -0.50 2.51
N THR A 32 0.25 -0.41 1.48
CA THR A 32 -1.19 -0.63 1.64
C THR A 32 -1.46 -2.10 1.96
N TYR A 33 -0.62 -2.98 1.44
CA TYR A 33 -0.78 -4.41 1.67
C TYR A 33 -0.54 -4.75 3.13
N CYS A 34 0.56 -4.24 3.68
CA CYS A 34 0.89 -4.49 5.08
C CYS A 34 -0.19 -3.93 6.00
N ILE A 35 -0.74 -2.78 5.62
CA ILE A 35 -1.79 -2.15 6.42
C ILE A 35 -3.07 -2.97 6.36
N ASN A 36 -3.46 -3.39 5.17
CA ASN A 36 -4.66 -4.18 5.00
C ASN A 36 -4.64 -5.39 5.93
N ALA A 37 -3.46 -5.99 6.09
CA ALA A 37 -3.32 -7.15 6.96
C ALA A 37 -3.47 -6.75 8.42
N LYS A 38 -2.70 -5.75 8.84
CA LYS A 38 -2.77 -5.27 10.21
C LYS A 38 -4.21 -4.94 10.60
N ALA A 39 -5.04 -4.69 9.60
CA ALA A 39 -6.44 -4.36 9.84
C ALA A 39 -7.28 -5.63 9.94
N ASP A 40 -7.11 -6.52 8.97
CA ASP A 40 -7.86 -7.77 8.95
C ASP A 40 -7.54 -8.61 10.18
N VAL A 41 -6.37 -8.35 10.78
CA VAL A 41 -5.96 -9.08 11.97
C VAL A 41 -7.04 -9.01 13.04
N LEU A 42 -7.94 -8.03 12.92
CA LEU A 42 -9.00 -7.86 13.89
C LEU A 42 -10.08 -8.93 13.71
N PHE A 43 -10.53 -9.10 12.47
CA PHE A 43 -11.57 -10.09 12.18
C PHE A 43 -10.97 -11.49 12.15
N ILE A 44 -9.65 -11.58 12.21
CA ILE A 44 -8.98 -12.87 12.20
C ILE A 44 -8.51 -13.25 13.61
N ALA A 45 -7.44 -12.62 14.06
CA ALA A 45 -6.90 -12.90 15.39
C ALA A 45 -7.45 -11.92 16.41
N PRO A 46 -7.41 -12.28 17.66
CA PRO A 46 -7.93 -11.41 18.77
C PRO A 46 -7.61 -9.94 18.53
N ARG A 47 -8.32 -9.07 19.25
CA ARG A 47 -8.10 -7.63 19.12
C ARG A 47 -7.29 -7.10 20.29
N GLU A 48 -6.49 -6.07 20.02
CA GLU A 48 -5.66 -5.46 21.06
C GLU A 48 -6.22 -4.10 21.46
N PRO A 49 -5.77 -3.59 22.58
CA PRO A 49 -6.21 -2.26 23.10
C PRO A 49 -6.29 -1.22 21.98
N GLY A 50 -7.38 -0.46 21.98
CA GLY A 50 -7.57 0.58 20.96
C GLY A 50 -8.59 0.13 19.92
N ALA A 51 -8.54 -1.14 19.54
CA ALA A 51 -9.47 -1.67 18.55
C ALA A 51 -10.86 -1.79 19.14
N VAL A 52 -11.40 -0.67 19.62
CA VAL A 52 -12.74 -0.66 20.19
C VAL A 52 -13.78 -0.29 19.13
N SER A 53 -14.87 -1.05 19.09
CA SER A 53 -15.92 -0.80 18.13
C SER A 53 -16.23 0.69 18.04
N TYR A 54 -16.30 1.21 16.81
CA TYR A 54 -16.59 2.63 16.61
C TYR A 54 -17.41 2.83 15.34
N ALA A 9 16.73 13.09 -25.74
CA ALA A 9 16.72 13.78 -24.42
C ALA A 9 15.30 13.78 -23.87
N SER A 10 14.36 14.30 -24.65
CA SER A 10 12.97 14.36 -24.22
C SER A 10 12.41 12.95 -24.04
N LYS A 11 12.55 12.12 -25.05
CA LYS A 11 12.06 10.74 -24.99
C LYS A 11 12.67 10.02 -23.80
N GLU A 12 13.93 10.31 -23.51
CA GLU A 12 14.62 9.66 -22.40
C GLU A 12 13.98 10.05 -21.07
N LEU A 13 13.89 11.35 -20.81
CA LEU A 13 13.30 11.84 -19.57
C LEU A 13 11.88 11.33 -19.41
N GLU A 14 11.16 11.23 -20.53
CA GLU A 14 9.79 10.76 -20.50
C GLU A 14 9.73 9.34 -19.93
N LEU A 15 10.59 8.46 -20.44
CA LEU A 15 10.62 7.09 -19.96
C LEU A 15 10.86 7.04 -18.45
N ILE A 16 11.77 7.89 -17.99
CA ILE A 16 12.08 7.95 -16.56
C ILE A 16 10.85 8.36 -15.76
N THR A 17 10.08 9.29 -16.32
CA THR A 17 8.88 9.77 -15.65
C THR A 17 7.92 8.61 -15.40
N LEU A 18 7.69 7.80 -16.43
CA LEU A 18 6.79 6.65 -16.30
C LEU A 18 7.35 5.65 -15.30
N THR A 19 8.67 5.48 -15.31
CA THR A 19 9.32 4.56 -14.39
C THR A 19 9.09 4.99 -12.95
N VAL A 20 9.43 6.24 -12.65
CA VAL A 20 9.25 6.76 -11.30
C VAL A 20 7.81 6.65 -10.85
N GLY A 21 6.88 6.79 -11.79
CA GLY A 21 5.47 6.72 -11.48
C GLY A 21 5.05 5.29 -11.13
N PHE A 22 5.51 4.34 -11.94
CA PHE A 22 5.19 2.94 -11.71
C PHE A 22 5.91 2.43 -10.47
N GLY A 23 7.08 3.00 -10.20
CA GLY A 23 7.87 2.59 -9.04
C GLY A 23 7.22 3.07 -7.75
N ILE A 24 6.65 4.27 -7.80
CA ILE A 24 5.99 4.83 -6.62
C ILE A 24 4.70 4.09 -6.32
N LEU A 25 4.00 3.69 -7.37
CA LEU A 25 2.75 2.96 -7.21
C LEU A 25 2.98 1.61 -6.54
N ILE A 26 3.96 0.88 -7.04
CA ILE A 26 4.27 -0.43 -6.47
C ILE A 26 4.63 -0.32 -5.00
N PHE A 27 5.41 0.71 -4.66
CA PHE A 27 5.80 0.93 -3.28
C PHE A 27 4.59 1.25 -2.41
N SER A 28 3.70 2.08 -2.95
CA SER A 28 2.50 2.46 -2.21
C SER A 28 1.58 1.25 -2.01
N LEU A 29 1.48 0.40 -3.03
CA LEU A 29 0.65 -0.78 -2.96
C LEU A 29 1.10 -1.68 -1.82
N ILE A 30 2.41 -1.83 -1.67
CA ILE A 30 2.95 -2.69 -0.62
C ILE A 30 2.65 -2.10 0.76
N VAL A 31 2.70 -0.78 0.86
CA VAL A 31 2.43 -0.11 2.12
C VAL A 31 0.99 -0.35 2.56
N THR A 32 0.05 -0.08 1.65
CA THR A 32 -1.36 -0.27 1.95
C THR A 32 -1.63 -1.74 2.29
N TYR A 33 -0.88 -2.63 1.66
CA TYR A 33 -1.04 -4.06 1.90
C TYR A 33 -0.67 -4.41 3.33
N CYS A 34 0.48 -3.90 3.77
CA CYS A 34 0.94 -4.16 5.13
C CYS A 34 -0.11 -3.70 6.14
N ILE A 35 -0.78 -2.59 5.83
CA ILE A 35 -1.81 -2.07 6.73
C ILE A 35 -3.05 -2.95 6.69
N ASN A 36 -3.58 -3.15 5.50
CA ASN A 36 -4.77 -3.98 5.33
C ASN A 36 -4.62 -5.28 6.11
N ALA A 37 -3.46 -5.90 6.00
CA ALA A 37 -3.20 -7.16 6.68
C ALA A 37 -3.29 -6.99 8.20
N LYS A 38 -2.60 -5.99 8.70
CA LYS A 38 -2.60 -5.72 10.14
C LYS A 38 -4.01 -5.45 10.64
N ALA A 39 -4.86 -4.94 9.75
CA ALA A 39 -6.24 -4.64 10.12
C ALA A 39 -7.13 -5.87 9.96
N ASP A 40 -6.68 -6.81 9.14
CA ASP A 40 -7.44 -8.03 8.89
C ASP A 40 -7.19 -9.05 9.98
N VAL A 41 -6.04 -8.94 10.63
CA VAL A 41 -5.69 -9.87 11.71
C VAL A 41 -6.63 -9.69 12.89
N LEU A 42 -7.17 -8.49 13.02
CA LEU A 42 -8.10 -8.20 14.12
C LEU A 42 -9.53 -8.42 13.70
N PHE A 43 -9.93 -7.75 12.66
CA PHE A 43 -11.29 -7.86 12.14
C PHE A 43 -11.45 -9.13 11.30
N ILE A 44 -10.70 -10.16 11.68
CA ILE A 44 -10.76 -11.44 10.97
C ILE A 44 -12.19 -11.77 10.60
N ALA A 45 -12.86 -12.49 11.48
CA ALA A 45 -14.25 -12.88 11.24
C ALA A 45 -15.16 -11.65 11.22
N PRO A 46 -16.34 -11.78 10.67
CA PRO A 46 -17.31 -10.66 10.59
C PRO A 46 -17.37 -9.84 11.88
N ARG A 47 -17.81 -8.60 11.76
CA ARG A 47 -17.90 -7.72 12.92
C ARG A 47 -19.27 -7.82 13.57
N GLU A 48 -19.30 -7.80 14.90
CA GLU A 48 -20.56 -7.89 15.62
C GLU A 48 -21.12 -6.50 15.90
N PRO A 49 -22.42 -6.37 15.97
CA PRO A 49 -23.10 -5.07 16.25
C PRO A 49 -22.81 -4.54 17.64
N GLY A 50 -23.19 -5.32 18.66
CA GLY A 50 -22.97 -4.92 20.04
C GLY A 50 -24.03 -3.92 20.49
N ALA A 51 -25.29 -4.32 20.39
CA ALA A 51 -26.39 -3.45 20.80
C ALA A 51 -27.71 -4.23 20.80
N VAL A 52 -27.62 -5.54 21.02
CA VAL A 52 -28.80 -6.38 21.04
C VAL A 52 -29.32 -6.55 22.48
N SER A 53 -30.59 -6.19 22.69
CA SER A 53 -31.18 -6.30 24.01
C SER A 53 -31.70 -7.72 24.26
N TYR A 54 -31.72 -8.13 25.52
CA TYR A 54 -32.19 -9.47 25.87
C TYR A 54 -33.67 -9.43 26.24
N ALA A 9 15.65 13.55 -27.01
CA ALA A 9 15.94 13.38 -25.56
C ALA A 9 14.65 13.49 -24.76
N SER A 10 13.58 13.91 -25.44
CA SER A 10 12.29 14.06 -24.79
C SER A 10 11.72 12.70 -24.41
N LYS A 11 11.88 11.73 -25.31
CA LYS A 11 11.38 10.38 -25.05
C LYS A 11 12.09 9.75 -23.86
N GLU A 12 13.34 10.15 -23.66
CA GLU A 12 14.12 9.64 -22.54
C GLU A 12 13.59 10.20 -21.22
N LEU A 13 13.42 11.51 -21.17
CA LEU A 13 12.93 12.16 -19.95
C LEU A 13 11.56 11.59 -19.56
N GLU A 14 10.77 11.23 -20.57
CA GLU A 14 9.44 10.68 -20.32
C GLU A 14 9.56 9.26 -19.75
N LEU A 15 10.55 8.53 -20.22
CA LEU A 15 10.77 7.15 -19.75
C LEU A 15 11.09 7.15 -18.27
N ILE A 16 11.93 8.09 -17.84
CA ILE A 16 12.31 8.19 -16.43
C ILE A 16 11.10 8.56 -15.58
N THR A 17 10.36 9.57 -16.00
CA THR A 17 9.18 10.01 -15.27
C THR A 17 8.20 8.86 -15.11
N LEU A 18 8.00 8.11 -16.18
CA LEU A 18 7.07 6.98 -16.14
C LEU A 18 7.56 5.92 -15.18
N THR A 19 8.86 5.66 -15.19
CA THR A 19 9.44 4.66 -14.31
C THR A 19 9.19 5.02 -12.85
N VAL A 20 9.44 6.28 -12.51
CA VAL A 20 9.25 6.74 -11.13
C VAL A 20 7.79 6.60 -10.72
N GLY A 21 6.88 6.79 -11.67
CA GLY A 21 5.46 6.69 -11.39
C GLY A 21 5.06 5.25 -11.09
N PHE A 22 5.58 4.32 -11.88
CA PHE A 22 5.30 2.91 -11.69
C PHE A 22 6.01 2.39 -10.43
N GLY A 23 7.16 2.99 -10.13
CA GLY A 23 7.93 2.59 -8.96
C GLY A 23 7.24 3.07 -7.68
N ILE A 24 6.67 4.27 -7.75
CA ILE A 24 5.98 4.83 -6.59
C ILE A 24 4.71 4.04 -6.30
N LEU A 25 4.05 3.58 -7.36
CA LEU A 25 2.82 2.81 -7.20
C LEU A 25 3.10 1.48 -6.51
N ILE A 26 4.16 0.80 -6.96
CA ILE A 26 4.53 -0.47 -6.36
C ILE A 26 4.89 -0.29 -4.89
N PHE A 27 5.58 0.80 -4.58
CA PHE A 27 5.98 1.07 -3.21
C PHE A 27 4.75 1.24 -2.31
N SER A 28 3.79 2.03 -2.78
CA SER A 28 2.56 2.26 -2.02
C SER A 28 1.77 0.97 -1.89
N LEU A 29 1.70 0.20 -2.97
CA LEU A 29 0.97 -1.05 -2.96
C LEU A 29 1.48 -1.95 -1.83
N ILE A 30 2.80 -2.00 -1.66
CA ILE A 30 3.40 -2.82 -0.62
C ILE A 30 2.99 -2.32 0.76
N VAL A 31 2.98 -1.01 0.93
CA VAL A 31 2.59 -0.42 2.21
C VAL A 31 1.12 -0.68 2.49
N THR A 32 0.28 -0.42 1.51
CA THR A 32 -1.16 -0.63 1.66
C THR A 32 -1.46 -2.10 1.94
N TYR A 33 -0.65 -2.98 1.37
CA TYR A 33 -0.84 -4.41 1.56
C TYR A 33 -0.61 -4.79 3.02
N CYS A 34 0.51 -4.33 3.57
CA CYS A 34 0.85 -4.63 4.95
C CYS A 34 -0.19 -4.06 5.90
N ILE A 35 -0.76 -2.92 5.52
CA ILE A 35 -1.78 -2.27 6.34
C ILE A 35 -3.08 -3.07 6.32
N ASN A 36 -3.47 -3.51 5.14
CA ASN A 36 -4.70 -4.29 4.99
C ASN A 36 -4.68 -5.49 5.93
N ALA A 37 -3.55 -6.18 5.98
CA ALA A 37 -3.41 -7.34 6.84
C ALA A 37 -3.49 -6.94 8.31
N LYS A 38 -2.81 -5.86 8.66
CA LYS A 38 -2.80 -5.37 10.03
C LYS A 38 -4.20 -4.94 10.46
N ALA A 39 -5.03 -4.58 9.48
CA ALA A 39 -6.40 -4.16 9.75
C ALA A 39 -7.34 -5.36 9.76
N ASP A 40 -6.93 -6.43 9.09
CA ASP A 40 -7.73 -7.64 9.01
C ASP A 40 -7.51 -8.52 10.23
N VAL A 41 -6.39 -8.30 10.91
CA VAL A 41 -6.06 -9.08 12.10
C VAL A 41 -6.95 -8.69 13.26
N LEU A 42 -7.49 -7.47 13.20
CA LEU A 42 -8.37 -6.97 14.25
C LEU A 42 -9.83 -7.14 13.85
N PHE A 43 -10.17 -6.57 12.71
CA PHE A 43 -11.54 -6.67 12.20
C PHE A 43 -11.79 -8.02 11.55
N ILE A 44 -11.09 -9.04 12.02
CA ILE A 44 -11.23 -10.39 11.49
C ILE A 44 -12.70 -10.69 11.20
N ALA A 45 -13.36 -11.30 12.17
CA ALA A 45 -14.77 -11.63 12.02
C ALA A 45 -15.65 -10.48 12.50
N PRO A 46 -16.90 -10.46 12.09
CA PRO A 46 -17.86 -9.40 12.48
C PRO A 46 -18.26 -9.51 13.95
N ARG A 47 -18.56 -8.37 14.57
CA ARG A 47 -18.95 -8.34 15.97
C ARG A 47 -20.47 -8.27 16.11
N GLU A 48 -21.00 -9.04 17.05
CA GLU A 48 -22.44 -9.06 17.27
C GLU A 48 -22.81 -8.22 18.49
N PRO A 49 -24.06 -7.85 18.61
CA PRO A 49 -24.56 -7.02 19.74
C PRO A 49 -24.59 -7.82 21.05
N GLY A 50 -23.74 -7.43 22.00
CA GLY A 50 -23.68 -8.11 23.28
C GLY A 50 -22.37 -8.89 23.41
N ALA A 51 -21.68 -9.08 22.29
CA ALA A 51 -20.42 -9.81 22.30
C ALA A 51 -19.58 -9.42 23.51
N VAL A 52 -19.52 -10.32 24.48
CA VAL A 52 -18.74 -10.06 25.69
C VAL A 52 -17.25 -9.98 25.36
N SER A 53 -16.64 -8.84 25.68
CA SER A 53 -15.22 -8.66 25.41
C SER A 53 -14.61 -7.66 26.39
N TYR A 54 -13.62 -8.10 27.15
CA TYR A 54 -12.97 -7.24 28.13
C TYR A 54 -12.67 -5.87 27.52
N ALA A 9 12.15 13.65 -28.46
CA ALA A 9 12.97 14.53 -27.59
C ALA A 9 12.50 14.38 -26.14
N SER A 10 11.28 14.85 -25.87
CA SER A 10 10.72 14.77 -24.53
C SER A 10 10.56 13.31 -24.10
N LYS A 11 10.85 12.39 -25.02
CA LYS A 11 10.72 10.97 -24.73
C LYS A 11 11.64 10.57 -23.58
N GLU A 12 12.79 11.24 -23.50
CA GLU A 12 13.75 10.96 -22.43
C GLU A 12 13.12 11.23 -21.06
N LEU A 13 12.64 12.46 -20.87
CA LEU A 13 12.02 12.84 -19.61
C LEU A 13 10.82 11.94 -19.30
N GLU A 14 10.11 11.53 -20.36
CA GLU A 14 8.93 10.68 -20.19
C GLU A 14 9.35 9.32 -19.65
N LEU A 15 10.43 8.77 -20.19
CA LEU A 15 10.93 7.46 -19.75
C LEU A 15 11.31 7.51 -18.27
N ILE A 16 11.98 8.58 -17.88
CA ILE A 16 12.39 8.73 -16.49
C ILE A 16 11.18 8.85 -15.57
N THR A 17 10.14 9.53 -16.06
CA THR A 17 8.93 9.71 -15.27
C THR A 17 8.21 8.38 -15.07
N LEU A 18 8.16 7.57 -16.13
CA LEU A 18 7.50 6.27 -16.05
C LEU A 18 8.17 5.40 -14.99
N THR A 19 9.49 5.42 -14.97
CA THR A 19 10.24 4.62 -14.00
C THR A 19 9.86 5.02 -12.58
N VAL A 20 9.88 6.31 -12.31
CA VAL A 20 9.53 6.81 -10.97
C VAL A 20 8.08 6.51 -10.65
N GLY A 21 7.23 6.53 -11.68
CA GLY A 21 5.81 6.27 -11.48
C GLY A 21 5.57 4.80 -11.17
N PHE A 22 6.22 3.92 -11.92
CA PHE A 22 6.07 2.49 -11.71
C PHE A 22 6.73 2.07 -10.38
N GLY A 23 7.80 2.77 -10.02
CA GLY A 23 8.51 2.48 -8.79
C GLY A 23 7.68 2.88 -7.57
N ILE A 24 6.96 3.99 -7.69
CA ILE A 24 6.12 4.46 -6.60
C ILE A 24 4.91 3.56 -6.43
N LEU A 25 4.37 3.07 -7.54
CA LEU A 25 3.20 2.21 -7.50
C LEU A 25 3.53 0.90 -6.79
N ILE A 26 4.70 0.34 -7.09
CA ILE A 26 5.13 -0.90 -6.47
C ILE A 26 5.29 -0.72 -4.96
N PHE A 27 5.88 0.40 -4.56
CA PHE A 27 6.10 0.69 -3.15
C PHE A 27 4.76 0.87 -2.43
N SER A 28 3.84 1.57 -3.09
CA SER A 28 2.53 1.80 -2.51
C SER A 28 1.73 0.51 -2.41
N LEU A 29 1.88 -0.35 -3.42
CA LEU A 29 1.17 -1.63 -3.43
C LEU A 29 1.58 -2.47 -2.23
N ILE A 30 2.87 -2.45 -1.90
CA ILE A 30 3.38 -3.23 -0.78
C ILE A 30 2.89 -2.64 0.54
N VAL A 31 2.86 -1.31 0.61
CA VAL A 31 2.41 -0.64 1.83
C VAL A 31 0.91 -0.84 2.04
N THR A 32 0.15 -0.73 0.96
CA THR A 32 -1.30 -0.91 1.04
C THR A 32 -1.62 -2.35 1.43
N TYR A 33 -0.78 -3.29 1.02
CA TYR A 33 -0.99 -4.69 1.33
C TYR A 33 -0.76 -4.95 2.81
N CYS A 34 0.31 -4.37 3.35
CA CYS A 34 0.62 -4.54 4.76
C CYS A 34 -0.48 -3.95 5.64
N ILE A 35 -1.14 -2.91 5.13
CA ILE A 35 -2.21 -2.26 5.87
C ILE A 35 -3.48 -3.10 5.83
N ASN A 36 -3.81 -3.62 4.66
CA ASN A 36 -4.99 -4.45 4.49
C ASN A 36 -4.93 -5.66 5.39
N ALA A 37 -3.72 -6.20 5.58
CA ALA A 37 -3.53 -7.36 6.42
C ALA A 37 -3.59 -6.98 7.89
N LYS A 38 -2.84 -5.95 8.27
CA LYS A 38 -2.83 -5.49 9.66
C LYS A 38 -4.22 -5.05 10.09
N ALA A 39 -5.07 -4.75 9.11
CA ALA A 39 -6.43 -4.31 9.40
C ALA A 39 -7.21 -5.41 10.11
N ASP A 40 -6.65 -6.62 10.10
CA ASP A 40 -7.30 -7.76 10.75
C ASP A 40 -7.58 -7.45 12.21
N VAL A 41 -6.67 -6.70 12.84
CA VAL A 41 -6.83 -6.35 14.25
C VAL A 41 -8.02 -5.40 14.43
N LEU A 42 -8.32 -4.63 13.39
CA LEU A 42 -9.43 -3.69 13.44
C LEU A 42 -10.75 -4.40 13.19
N PHE A 43 -10.71 -5.45 12.38
CA PHE A 43 -11.93 -6.20 12.08
C PHE A 43 -12.26 -7.18 13.21
N ILE A 44 -11.26 -7.46 14.04
CA ILE A 44 -11.46 -8.36 15.17
C ILE A 44 -11.75 -7.58 16.44
N ALA A 45 -10.71 -6.92 16.97
CA ALA A 45 -10.87 -6.14 18.19
C ALA A 45 -11.46 -4.77 17.88
N PRO A 46 -12.02 -4.12 18.85
CA PRO A 46 -12.63 -2.78 18.69
C PRO A 46 -11.58 -1.69 18.42
N ARG A 47 -12.01 -0.44 18.49
CA ARG A 47 -11.09 0.68 18.25
C ARG A 47 -10.54 1.21 19.57
N GLU A 48 -9.23 1.16 19.72
CA GLU A 48 -8.59 1.64 20.94
C GLU A 48 -7.87 2.97 20.67
N PRO A 49 -7.59 3.70 21.71
CA PRO A 49 -6.89 5.01 21.62
C PRO A 49 -5.79 5.00 20.57
N GLY A 50 -6.00 5.72 19.48
CA GLY A 50 -5.00 5.78 18.41
C GLY A 50 -5.57 5.21 17.12
N ALA A 51 -6.57 4.35 17.24
CA ALA A 51 -7.19 3.74 16.07
C ALA A 51 -7.65 4.81 15.09
N VAL A 52 -7.54 4.51 13.80
CA VAL A 52 -7.95 5.45 12.76
C VAL A 52 -9.37 5.16 12.30
N SER A 53 -10.23 6.17 12.33
CA SER A 53 -11.61 6.01 11.91
C SER A 53 -11.68 5.55 10.46
N TYR A 54 -12.07 4.30 10.25
CA TYR A 54 -12.18 3.75 8.90
C TYR A 54 -13.47 4.21 8.24
N ALA A 9 16.00 14.57 -25.85
CA ALA A 9 16.01 14.11 -24.43
C ALA A 9 14.58 13.92 -23.94
N SER A 10 13.62 14.27 -24.79
CA SER A 10 12.22 14.13 -24.44
C SER A 10 11.91 12.70 -24.00
N LYS A 11 12.28 11.74 -24.85
CA LYS A 11 12.05 10.34 -24.54
C LYS A 11 12.79 9.93 -23.27
N GLU A 12 14.02 10.40 -23.13
CA GLU A 12 14.83 10.08 -21.96
C GLU A 12 14.15 10.59 -20.69
N LEU A 13 13.68 11.82 -20.74
CA LEU A 13 13.02 12.42 -19.59
C LEU A 13 11.69 11.72 -19.32
N GLU A 14 10.92 11.48 -20.37
CA GLU A 14 9.63 10.82 -20.24
C GLU A 14 9.81 9.44 -19.62
N LEU A 15 10.86 8.74 -20.04
CA LEU A 15 11.14 7.41 -19.52
C LEU A 15 11.36 7.45 -18.01
N ILE A 16 12.15 8.43 -17.56
CA ILE A 16 12.44 8.58 -16.15
C ILE A 16 11.15 8.73 -15.35
N THR A 17 10.28 9.64 -15.78
CA THR A 17 9.02 9.86 -15.09
C THR A 17 8.19 8.58 -15.07
N LEU A 18 8.13 7.91 -16.21
CA LEU A 18 7.36 6.68 -16.31
C LEU A 18 7.88 5.64 -15.32
N THR A 19 9.20 5.50 -15.26
CA THR A 19 9.80 4.54 -14.34
C THR A 19 9.43 4.87 -12.90
N VAL A 20 9.67 6.11 -12.50
CA VAL A 20 9.36 6.54 -11.14
C VAL A 20 7.86 6.41 -10.88
N GLY A 21 7.07 6.50 -11.94
CA GLY A 21 5.62 6.40 -11.80
C GLY A 21 5.20 4.98 -11.46
N PHE A 22 5.70 4.02 -12.23
CA PHE A 22 5.40 2.61 -12.01
C PHE A 22 5.97 2.16 -10.68
N GLY A 23 7.09 2.74 -10.30
CA GLY A 23 7.74 2.38 -9.05
C GLY A 23 6.98 2.97 -7.87
N ILE A 24 6.48 4.18 -8.02
CA ILE A 24 5.74 4.84 -6.96
C ILE A 24 4.45 4.08 -6.67
N LEU A 25 3.82 3.60 -7.71
CA LEU A 25 2.58 2.85 -7.57
C LEU A 25 2.82 1.51 -6.88
N ILE A 26 3.80 0.77 -7.38
CA ILE A 26 4.13 -0.52 -6.81
C ILE A 26 4.42 -0.39 -5.31
N PHE A 27 5.15 0.66 -4.95
CA PHE A 27 5.49 0.89 -3.55
C PHE A 27 4.24 1.18 -2.74
N SER A 28 3.38 2.04 -3.28
CA SER A 28 2.15 2.40 -2.60
C SER A 28 1.24 1.19 -2.43
N LEU A 29 1.22 0.32 -3.44
CA LEU A 29 0.39 -0.86 -3.40
C LEU A 29 0.84 -1.79 -2.28
N ILE A 30 2.15 -1.91 -2.11
CA ILE A 30 2.69 -2.79 -1.08
C ILE A 30 2.39 -2.25 0.31
N VAL A 31 2.31 -0.92 0.42
CA VAL A 31 2.03 -0.29 1.70
C VAL A 31 0.57 -0.50 2.08
N THR A 32 -0.33 -0.25 1.12
CA THR A 32 -1.76 -0.41 1.38
C THR A 32 -2.10 -1.87 1.66
N TYR A 33 -1.35 -2.77 1.05
CA TYR A 33 -1.57 -4.20 1.25
C TYR A 33 -1.19 -4.62 2.66
N CYS A 34 0.01 -4.25 3.08
CA CYS A 34 0.49 -4.60 4.41
C CYS A 34 -0.48 -4.08 5.47
N ILE A 35 -1.08 -2.93 5.20
CA ILE A 35 -2.03 -2.33 6.15
C ILE A 35 -3.31 -3.17 6.20
N ASN A 36 -3.81 -3.56 5.04
CA ASN A 36 -5.03 -4.36 4.96
C ASN A 36 -4.84 -5.68 5.69
N ALA A 37 -3.59 -6.12 5.79
CA ALA A 37 -3.28 -7.38 6.46
C ALA A 37 -3.16 -7.18 7.96
N LYS A 38 -2.52 -6.09 8.36
CA LYS A 38 -2.34 -5.79 9.77
C LYS A 38 -3.69 -5.46 10.41
N ALA A 39 -4.66 -5.10 9.59
CA ALA A 39 -5.99 -4.76 10.09
C ALA A 39 -6.69 -5.99 10.66
N ASP A 40 -6.10 -7.16 10.43
CA ASP A 40 -6.68 -8.41 10.91
C ASP A 40 -6.32 -8.63 12.37
N VAL A 41 -5.39 -7.82 12.87
CA VAL A 41 -4.97 -7.94 14.27
C VAL A 41 -5.83 -7.03 15.15
N LEU A 42 -6.53 -6.09 14.53
CA LEU A 42 -7.38 -5.17 15.29
C LEU A 42 -8.81 -5.66 15.29
N PHE A 43 -9.36 -5.82 14.10
CA PHE A 43 -10.74 -6.30 13.96
C PHE A 43 -10.81 -7.81 14.00
N ILE A 44 -9.67 -8.44 14.27
CA ILE A 44 -9.57 -9.89 14.34
C ILE A 44 -9.99 -10.53 13.02
N ALA A 45 -11.26 -10.42 12.72
CA ALA A 45 -11.80 -10.98 11.49
C ALA A 45 -11.91 -9.90 10.40
N PRO A 46 -11.98 -10.31 9.16
CA PRO A 46 -12.09 -9.37 8.00
C PRO A 46 -13.42 -8.62 8.01
N ARG A 47 -13.44 -7.44 7.38
CA ARG A 47 -14.66 -6.65 7.30
C ARG A 47 -15.17 -6.56 5.88
N GLU A 48 -16.48 -6.45 5.72
CA GLU A 48 -17.08 -6.38 4.40
C GLU A 48 -16.57 -5.14 3.65
N PRO A 49 -16.57 -5.19 2.34
CA PRO A 49 -16.10 -4.04 1.50
C PRO A 49 -17.02 -2.83 1.62
N GLY A 50 -18.24 -2.97 1.12
CA GLY A 50 -19.20 -1.87 1.17
C GLY A 50 -18.61 -0.60 0.59
N ALA A 51 -17.61 -0.76 -0.26
CA ALA A 51 -16.95 0.39 -0.88
C ALA A 51 -16.59 1.43 0.18
N VAL A 52 -16.61 1.02 1.44
CA VAL A 52 -16.29 1.91 2.54
C VAL A 52 -14.86 2.44 2.39
N SER A 53 -14.69 3.75 2.47
CA SER A 53 -13.38 4.36 2.34
C SER A 53 -12.69 4.43 3.71
N TYR A 54 -11.43 4.03 3.74
CA TYR A 54 -10.66 4.05 4.98
C TYR A 54 -11.51 3.63 6.16
N ALA A 9 16.85 14.45 -23.67
CA ALA A 9 15.77 14.92 -24.57
C ALA A 9 14.43 14.57 -23.95
N SER A 10 13.40 15.38 -24.26
CA SER A 10 12.06 15.16 -23.73
C SER A 10 11.76 13.65 -23.67
N LYS A 11 12.31 12.91 -24.62
CA LYS A 11 12.09 11.46 -24.66
C LYS A 11 12.69 10.80 -23.42
N GLU A 12 13.93 11.15 -23.11
CA GLU A 12 14.60 10.58 -21.94
C GLU A 12 13.83 10.90 -20.67
N LEU A 13 13.32 12.11 -20.57
CA LEU A 13 12.55 12.54 -19.40
C LEU A 13 11.27 11.72 -19.28
N GLU A 14 10.66 11.42 -20.42
CA GLU A 14 9.43 10.66 -20.43
C GLU A 14 9.66 9.27 -19.85
N LEU A 15 10.74 8.64 -20.27
CA LEU A 15 11.06 7.30 -19.79
C LEU A 15 11.21 7.29 -18.27
N ILE A 16 12.01 8.22 -17.75
CA ILE A 16 12.22 8.32 -16.32
C ILE A 16 10.90 8.51 -15.60
N THR A 17 10.07 9.40 -16.14
CA THR A 17 8.78 9.69 -15.52
C THR A 17 7.95 8.41 -15.39
N LEU A 18 7.80 7.68 -16.49
CA LEU A 18 7.04 6.44 -16.47
C LEU A 18 7.60 5.47 -15.45
N THR A 19 8.92 5.36 -15.41
CA THR A 19 9.57 4.46 -14.46
C THR A 19 9.26 4.89 -13.03
N VAL A 20 9.42 6.18 -12.75
CA VAL A 20 9.16 6.69 -11.41
C VAL A 20 7.71 6.43 -11.00
N GLY A 21 6.81 6.50 -11.98
CA GLY A 21 5.40 6.27 -11.71
C GLY A 21 5.12 4.82 -11.35
N PHE A 22 5.62 3.92 -12.19
CA PHE A 22 5.43 2.50 -11.95
C PHE A 22 6.13 2.07 -10.67
N GLY A 23 7.24 2.74 -10.37
CA GLY A 23 8.01 2.41 -9.17
C GLY A 23 7.28 2.90 -7.93
N ILE A 24 6.64 4.06 -8.05
CA ILE A 24 5.90 4.62 -6.91
C ILE A 24 4.66 3.80 -6.61
N LEU A 25 4.03 3.30 -7.66
CA LEU A 25 2.83 2.48 -7.50
C LEU A 25 3.16 1.18 -6.77
N ILE A 26 4.26 0.56 -7.17
CA ILE A 26 4.67 -0.69 -6.55
C ILE A 26 4.96 -0.49 -5.07
N PHE A 27 5.61 0.63 -4.75
CA PHE A 27 5.95 0.93 -3.37
C PHE A 27 4.69 1.15 -2.54
N SER A 28 3.76 1.93 -3.09
CA SER A 28 2.52 2.22 -2.40
C SER A 28 1.68 0.95 -2.24
N LEU A 29 1.70 0.09 -3.25
CA LEU A 29 0.94 -1.14 -3.21
C LEU A 29 1.43 -2.03 -2.07
N ILE A 30 2.75 -2.05 -1.88
CA ILE A 30 3.34 -2.86 -0.82
C ILE A 30 2.90 -2.36 0.55
N VAL A 31 2.85 -1.04 0.70
CA VAL A 31 2.46 -0.44 1.97
C VAL A 31 0.98 -0.71 2.24
N THR A 32 0.13 -0.42 1.26
CA THR A 32 -1.29 -0.64 1.41
C THR A 32 -1.57 -2.10 1.77
N TYR A 33 -0.73 -3.00 1.27
CA TYR A 33 -0.90 -4.42 1.54
C TYR A 33 -0.68 -4.72 3.02
N CYS A 34 0.47 -4.27 3.54
CA CYS A 34 0.79 -4.50 4.93
C CYS A 34 -0.31 -3.94 5.85
N ILE A 35 -0.96 -2.88 5.39
CA ILE A 35 -2.04 -2.26 6.16
C ILE A 35 -3.28 -3.15 6.14
N ASN A 36 -3.63 -3.63 4.95
CA ASN A 36 -4.81 -4.48 4.80
C ASN A 36 -4.70 -5.70 5.70
N ALA A 37 -3.48 -6.22 5.85
CA ALA A 37 -3.24 -7.39 6.69
C ALA A 37 -3.36 -7.03 8.17
N LYS A 38 -2.66 -5.98 8.57
CA LYS A 38 -2.68 -5.55 9.96
C LYS A 38 -4.11 -5.23 10.40
N ALA A 39 -4.95 -4.86 9.44
CA ALA A 39 -6.35 -4.54 9.74
C ALA A 39 -7.10 -5.78 10.20
N ASP A 40 -6.48 -6.94 10.02
CA ASP A 40 -7.11 -8.20 10.42
C ASP A 40 -7.39 -8.20 11.91
N VAL A 41 -6.55 -7.52 12.67
CA VAL A 41 -6.73 -7.45 14.11
C VAL A 41 -7.98 -6.66 14.46
N LEU A 42 -8.33 -5.71 13.60
CA LEU A 42 -9.52 -4.89 13.82
C LEU A 42 -10.79 -5.65 13.47
N PHE A 43 -10.67 -6.49 12.47
CA PHE A 43 -11.81 -7.28 12.02
C PHE A 43 -12.02 -8.49 12.93
N ILE A 44 -10.96 -8.87 13.63
CA ILE A 44 -11.02 -10.01 14.54
C ILE A 44 -11.37 -9.53 15.95
N ALA A 45 -10.38 -8.97 16.62
CA ALA A 45 -10.58 -8.47 17.98
C ALA A 45 -11.66 -7.39 18.01
N PRO A 46 -12.20 -7.12 19.17
CA PRO A 46 -13.26 -6.08 19.34
C PRO A 46 -12.98 -4.84 18.49
N ARG A 47 -14.05 -4.19 18.04
CA ARG A 47 -13.92 -3.00 17.21
C ARG A 47 -14.02 -1.74 18.07
N GLU A 48 -13.25 -0.73 17.71
CA GLU A 48 -13.24 0.53 18.46
C GLU A 48 -13.97 1.62 17.67
N PRO A 49 -14.36 2.68 18.34
CA PRO A 49 -15.08 3.82 17.69
C PRO A 49 -14.16 4.63 16.78
N GLY A 50 -13.02 4.04 16.42
CA GLY A 50 -12.08 4.71 15.54
C GLY A 50 -11.76 6.12 16.05
N ALA A 51 -12.00 6.35 17.34
CA ALA A 51 -11.75 7.65 17.93
C ALA A 51 -12.26 8.76 17.04
N VAL A 52 -13.46 8.58 16.50
CA VAL A 52 -14.06 9.58 15.61
C VAL A 52 -14.85 10.60 16.43
N SER A 53 -14.34 11.83 16.48
CA SER A 53 -15.01 12.89 17.22
C SER A 53 -15.74 13.82 16.27
N TYR A 54 -16.86 14.38 16.75
CA TYR A 54 -17.66 15.30 15.94
C TYR A 54 -17.88 16.61 16.68
N ALA A 9 16.54 12.84 -27.38
CA ALA A 9 15.50 13.87 -27.08
C ALA A 9 14.91 13.60 -25.69
N SER A 10 13.92 14.40 -25.31
CA SER A 10 13.29 14.24 -24.01
C SER A 10 12.70 12.84 -23.87
N LYS A 11 12.81 12.04 -24.92
CA LYS A 11 12.29 10.68 -24.91
C LYS A 11 12.81 9.92 -23.69
N GLU A 12 14.07 10.18 -23.34
CA GLU A 12 14.68 9.51 -22.19
C GLU A 12 14.06 10.02 -20.89
N LEU A 13 14.00 11.33 -20.74
CA LEU A 13 13.44 11.94 -19.54
C LEU A 13 11.99 11.49 -19.35
N GLU A 14 11.30 11.24 -20.45
CA GLU A 14 9.90 10.80 -20.38
C GLU A 14 9.82 9.37 -19.87
N LEU A 15 10.69 8.51 -20.38
CA LEU A 15 10.71 7.12 -19.96
C LEU A 15 11.03 7.00 -18.47
N ILE A 16 11.94 7.85 -18.00
CA ILE A 16 12.33 7.84 -16.59
C ILE A 16 11.15 8.26 -15.71
N THR A 17 10.45 9.32 -16.13
CA THR A 17 9.30 9.81 -15.38
C THR A 17 8.25 8.72 -15.25
N LEU A 18 8.02 7.99 -16.34
CA LEU A 18 7.03 6.92 -16.35
C LEU A 18 7.42 5.83 -15.35
N THR A 19 8.71 5.50 -15.31
CA THR A 19 9.21 4.48 -14.40
C THR A 19 9.02 4.92 -12.95
N VAL A 20 9.28 6.20 -12.69
CA VAL A 20 9.14 6.73 -11.34
C VAL A 20 7.70 6.61 -10.86
N GLY A 21 6.76 6.82 -11.79
CA GLY A 21 5.35 6.73 -11.45
C GLY A 21 4.94 5.29 -11.14
N PHE A 22 5.36 4.37 -12.00
CA PHE A 22 5.02 2.96 -11.82
C PHE A 22 5.75 2.40 -10.60
N GLY A 23 6.94 2.95 -10.33
CA GLY A 23 7.72 2.49 -9.18
C GLY A 23 7.08 2.96 -7.87
N ILE A 24 6.51 4.15 -7.89
CA ILE A 24 5.86 4.69 -6.71
C ILE A 24 4.54 3.98 -6.43
N LEU A 25 3.86 3.58 -7.49
CA LEU A 25 2.59 2.88 -7.36
C LEU A 25 2.79 1.55 -6.66
N ILE A 26 3.80 0.80 -7.09
CA ILE A 26 4.10 -0.49 -6.48
C ILE A 26 4.49 -0.32 -5.01
N PHE A 27 5.26 0.73 -4.73
CA PHE A 27 5.68 1.00 -3.37
C PHE A 27 4.48 1.32 -2.49
N SER A 28 3.58 2.16 -3.00
CA SER A 28 2.39 2.54 -2.24
C SER A 28 1.45 1.36 -2.08
N LEU A 29 1.41 0.50 -3.09
CA LEU A 29 0.56 -0.68 -3.05
C LEU A 29 0.98 -1.61 -1.92
N ILE A 30 2.29 -1.76 -1.74
CA ILE A 30 2.82 -2.60 -0.68
C ILE A 30 2.48 -2.02 0.70
N VAL A 31 2.53 -0.70 0.79
CA VAL A 31 2.22 -0.03 2.06
C VAL A 31 0.76 -0.26 2.44
N THR A 32 -0.14 -0.01 1.48
CA THR A 32 -1.56 -0.20 1.73
C THR A 32 -1.86 -1.67 2.04
N TYR A 33 -1.13 -2.56 1.39
CA TYR A 33 -1.33 -3.99 1.60
C TYR A 33 -0.99 -4.38 3.04
N CYS A 34 0.16 -3.92 3.52
CA CYS A 34 0.58 -4.22 4.87
C CYS A 34 -0.45 -3.70 5.88
N ILE A 35 -1.04 -2.55 5.58
CA ILE A 35 -2.04 -1.96 6.46
C ILE A 35 -3.26 -2.86 6.56
N ASN A 36 -3.87 -3.16 5.42
CA ASN A 36 -5.05 -4.02 5.39
C ASN A 36 -4.80 -5.30 6.16
N ALA A 37 -3.58 -5.82 6.05
CA ALA A 37 -3.21 -7.06 6.74
C ALA A 37 -3.26 -6.85 8.24
N LYS A 38 -2.52 -5.86 8.73
CA LYS A 38 -2.48 -5.58 10.17
C LYS A 38 -3.90 -5.53 10.74
N ALA A 39 -4.83 -5.02 9.94
CA ALA A 39 -6.22 -4.93 10.38
C ALA A 39 -6.88 -6.30 10.38
N ASP A 40 -6.51 -7.13 9.41
CA ASP A 40 -7.07 -8.48 9.32
C ASP A 40 -6.42 -9.40 10.33
N VAL A 41 -5.41 -8.89 11.04
CA VAL A 41 -4.71 -9.69 12.04
C VAL A 41 -5.27 -9.40 13.43
N LEU A 42 -5.53 -8.13 13.70
CA LEU A 42 -6.08 -7.72 14.99
C LEU A 42 -7.61 -7.66 14.94
N PHE A 43 -8.12 -6.89 13.99
CA PHE A 43 -9.57 -6.75 13.84
C PHE A 43 -10.14 -7.90 13.02
N ILE A 44 -9.51 -9.07 13.13
CA ILE A 44 -9.97 -10.23 12.38
C ILE A 44 -11.49 -10.26 12.30
N ALA A 45 -12.12 -10.87 13.30
CA ALA A 45 -13.57 -10.95 13.34
C ALA A 45 -14.20 -9.56 13.34
N PRO A 46 -15.45 -9.47 13.00
CA PRO A 46 -16.18 -8.17 12.97
C PRO A 46 -16.43 -7.60 14.36
N ARG A 47 -17.23 -6.55 14.43
CA ARG A 47 -17.55 -5.92 15.72
C ARG A 47 -18.59 -6.74 16.47
N GLU A 48 -18.22 -7.22 17.64
CA GLU A 48 -19.14 -8.02 18.45
C GLU A 48 -19.63 -7.21 19.65
N PRO A 49 -20.71 -7.63 20.24
CA PRO A 49 -21.31 -6.94 21.42
C PRO A 49 -20.25 -6.42 22.39
N GLY A 50 -20.46 -5.22 22.90
CA GLY A 50 -19.50 -4.61 23.83
C GLY A 50 -18.60 -3.62 23.12
N ALA A 51 -18.03 -4.04 21.99
CA ALA A 51 -17.13 -3.19 21.23
C ALA A 51 -17.89 -1.96 20.71
N VAL A 52 -19.21 -2.06 20.68
CA VAL A 52 -20.05 -0.96 20.21
C VAL A 52 -20.10 0.16 21.24
N SER A 53 -19.34 1.22 20.99
CA SER A 53 -19.32 2.36 21.91
C SER A 53 -20.73 2.83 22.22
N TYR A 54 -20.89 3.50 23.36
CA TYR A 54 -22.21 4.00 23.77
C TYR A 54 -22.35 5.47 23.40
N ALA A 9 11.86 12.87 -28.96
CA ALA A 9 11.39 14.16 -28.39
C ALA A 9 11.04 13.97 -26.92
N SER A 10 11.88 14.50 -26.04
CA SER A 10 11.64 14.38 -24.61
C SER A 10 11.27 12.95 -24.23
N LYS A 11 11.62 12.02 -25.11
CA LYS A 11 11.32 10.61 -24.87
C LYS A 11 12.04 10.12 -23.62
N GLU A 12 13.28 10.54 -23.45
CA GLU A 12 14.06 10.13 -22.28
C GLU A 12 13.39 10.61 -20.99
N LEU A 13 13.07 11.91 -20.94
CA LEU A 13 12.43 12.47 -19.77
C LEU A 13 11.11 11.76 -19.47
N GLU A 14 10.33 11.50 -20.52
CA GLU A 14 9.05 10.81 -20.36
C GLU A 14 9.26 9.39 -19.85
N LEU A 15 10.29 8.73 -20.37
CA LEU A 15 10.60 7.37 -19.96
C LEU A 15 10.92 7.31 -18.48
N ILE A 16 11.77 8.22 -18.01
CA ILE A 16 12.14 8.27 -16.61
C ILE A 16 10.92 8.51 -15.74
N THR A 17 10.03 9.38 -16.20
CA THR A 17 8.81 9.69 -15.46
C THR A 17 8.02 8.41 -15.19
N LEU A 18 7.76 7.65 -16.24
CA LEU A 18 7.01 6.40 -16.11
C LEU A 18 7.65 5.49 -15.08
N THR A 19 8.98 5.41 -15.12
CA THR A 19 9.71 4.57 -14.19
C THR A 19 9.43 4.98 -12.75
N VAL A 20 9.50 6.28 -12.49
CA VAL A 20 9.25 6.80 -11.14
C VAL A 20 7.78 6.60 -10.75
N GLY A 21 6.90 6.59 -11.74
CA GLY A 21 5.48 6.42 -11.50
C GLY A 21 5.16 4.99 -11.12
N PHE A 22 5.74 4.06 -11.86
CA PHE A 22 5.51 2.64 -11.61
C PHE A 22 6.26 2.21 -10.36
N GLY A 23 7.39 2.87 -10.10
CA GLY A 23 8.18 2.55 -8.93
C GLY A 23 7.47 3.00 -7.67
N ILE A 24 6.79 4.14 -7.75
CA ILE A 24 6.08 4.66 -6.59
C ILE A 24 4.85 3.83 -6.30
N LEU A 25 4.23 3.34 -7.36
CA LEU A 25 3.03 2.52 -7.21
C LEU A 25 3.35 1.22 -6.49
N ILE A 26 4.49 0.62 -6.82
CA ILE A 26 4.89 -0.62 -6.18
C ILE A 26 5.21 -0.39 -4.71
N PHE A 27 5.84 0.74 -4.42
CA PHE A 27 6.19 1.06 -3.04
C PHE A 27 4.93 1.20 -2.20
N SER A 28 3.95 1.93 -2.71
CA SER A 28 2.70 2.13 -1.99
C SER A 28 1.92 0.82 -1.88
N LEU A 29 1.85 0.07 -2.97
CA LEU A 29 1.13 -1.19 -2.97
C LEU A 29 1.65 -2.08 -1.86
N ILE A 30 2.97 -2.10 -1.68
CA ILE A 30 3.57 -2.93 -0.64
C ILE A 30 3.17 -2.45 0.75
N VAL A 31 3.12 -1.12 0.91
CA VAL A 31 2.74 -0.54 2.19
C VAL A 31 1.26 -0.78 2.48
N THR A 32 0.44 -0.58 1.46
CA THR A 32 -1.00 -0.78 1.61
C THR A 32 -1.30 -2.24 1.94
N TYR A 33 -0.47 -3.14 1.41
CA TYR A 33 -0.66 -4.56 1.65
C TYR A 33 -0.46 -4.89 3.12
N CYS A 34 0.67 -4.45 3.67
CA CYS A 34 0.98 -4.69 5.06
C CYS A 34 -0.08 -4.06 5.96
N ILE A 35 -0.56 -2.89 5.56
CA ILE A 35 -1.58 -2.18 6.34
C ILE A 35 -2.90 -2.96 6.31
N ASN A 36 -3.30 -3.38 5.12
CA ASN A 36 -4.55 -4.12 4.96
C ASN A 36 -4.57 -5.33 5.90
N ALA A 37 -3.42 -5.99 6.03
CA ALA A 37 -3.31 -7.16 6.89
C ALA A 37 -3.52 -6.77 8.36
N LYS A 38 -2.82 -5.72 8.78
CA LYS A 38 -2.92 -5.25 10.15
C LYS A 38 -4.35 -4.80 10.46
N ALA A 39 -5.08 -4.42 9.43
CA ALA A 39 -6.46 -3.97 9.60
C ALA A 39 -7.41 -5.15 9.58
N ASP A 40 -7.14 -6.12 8.71
CA ASP A 40 -7.99 -7.29 8.59
C ASP A 40 -8.03 -8.05 9.92
N VAL A 41 -6.95 -7.98 10.66
CA VAL A 41 -6.87 -8.66 11.95
C VAL A 41 -8.04 -8.25 12.84
N LEU A 42 -8.67 -7.12 12.52
CA LEU A 42 -9.78 -6.62 13.31
C LEU A 42 -11.04 -7.43 13.05
N PHE A 43 -11.31 -7.65 11.78
CA PHE A 43 -12.50 -8.41 11.38
C PHE A 43 -12.28 -9.90 11.57
N ILE A 44 -11.04 -10.27 11.83
CA ILE A 44 -10.70 -11.67 12.05
C ILE A 44 -10.57 -11.96 13.54
N ALA A 45 -9.45 -11.50 14.10
CA ALA A 45 -9.20 -11.70 15.53
C ALA A 45 -9.60 -10.47 16.33
N PRO A 46 -9.78 -10.62 17.62
CA PRO A 46 -10.16 -9.48 18.52
C PRO A 46 -9.03 -8.48 18.70
N ARG A 47 -9.37 -7.29 19.22
CA ARG A 47 -8.38 -6.25 19.44
C ARG A 47 -7.35 -6.71 20.47
N GLU A 48 -6.12 -6.22 20.31
CA GLU A 48 -5.06 -6.60 21.24
C GLU A 48 -5.45 -6.29 22.68
N PRO A 49 -4.99 -7.07 23.64
CA PRO A 49 -5.31 -6.85 25.07
C PRO A 49 -4.67 -5.59 25.63
N GLY A 50 -4.00 -4.84 24.76
CA GLY A 50 -3.34 -3.61 25.19
C GLY A 50 -2.33 -3.87 26.29
N ALA A 51 -2.05 -5.15 26.52
CA ALA A 51 -1.09 -5.53 27.56
C ALA A 51 -1.59 -5.11 28.94
N VAL A 52 -0.84 -5.49 29.98
CA VAL A 52 -1.22 -5.13 31.34
C VAL A 52 -1.52 -3.64 31.45
N SER A 53 -2.80 -3.30 31.40
CA SER A 53 -3.21 -1.90 31.50
C SER A 53 -3.47 -1.52 32.95
N TYR A 54 -2.66 -0.60 33.46
CA TYR A 54 -2.79 -0.14 34.84
C TYR A 54 -3.76 1.03 34.92
N ALA A 9 16.02 14.10 -25.21
CA ALA A 9 15.66 14.79 -23.95
C ALA A 9 14.22 14.44 -23.56
N SER A 10 13.28 14.83 -24.41
CA SER A 10 11.87 14.55 -24.14
C SER A 10 11.67 13.07 -23.85
N LYS A 11 12.12 12.21 -24.75
CA LYS A 11 11.99 10.78 -24.56
C LYS A 11 12.70 10.33 -23.29
N GLU A 12 13.92 10.84 -23.09
CA GLU A 12 14.69 10.48 -21.91
C GLU A 12 13.92 10.77 -20.63
N LEU A 13 13.34 11.97 -20.55
CA LEU A 13 12.59 12.36 -19.37
C LEU A 13 11.33 11.50 -19.23
N GLU A 14 10.63 11.31 -20.34
CA GLU A 14 9.40 10.51 -20.33
C GLU A 14 9.68 9.13 -19.74
N LEU A 15 10.79 8.53 -20.14
CA LEU A 15 11.16 7.21 -19.65
C LEU A 15 11.36 7.23 -18.14
N ILE A 16 12.08 8.24 -17.66
CA ILE A 16 12.33 8.36 -16.23
C ILE A 16 11.02 8.58 -15.47
N THR A 17 10.15 9.39 -16.05
CA THR A 17 8.86 9.67 -15.43
C THR A 17 8.02 8.39 -15.33
N LEU A 18 8.00 7.62 -16.41
CA LEU A 18 7.23 6.38 -16.43
C LEU A 18 7.75 5.40 -15.38
N THR A 19 9.07 5.33 -15.25
CA THR A 19 9.68 4.43 -14.28
C THR A 19 9.29 4.83 -12.86
N VAL A 20 9.42 6.11 -12.55
CA VAL A 20 9.10 6.61 -11.22
C VAL A 20 7.60 6.50 -10.96
N GLY A 21 6.81 6.49 -12.03
CA GLY A 21 5.36 6.39 -11.91
C GLY A 21 4.94 4.98 -11.50
N PHE A 22 5.49 4.00 -12.18
CA PHE A 22 5.16 2.60 -11.90
C PHE A 22 5.87 2.13 -10.63
N GLY A 23 7.06 2.66 -10.41
CA GLY A 23 7.84 2.28 -9.23
C GLY A 23 7.18 2.79 -7.95
N ILE A 24 6.59 3.98 -8.04
CA ILE A 24 5.92 4.57 -6.88
C ILE A 24 4.61 3.83 -6.59
N LEU A 25 3.89 3.49 -7.64
CA LEU A 25 2.62 2.78 -7.49
C LEU A 25 2.83 1.45 -6.76
N ILE A 26 3.87 0.73 -7.17
CA ILE A 26 4.18 -0.55 -6.54
C ILE A 26 4.56 -0.35 -5.08
N PHE A 27 5.32 0.70 -4.81
CA PHE A 27 5.76 0.99 -3.45
C PHE A 27 4.55 1.25 -2.55
N SER A 28 3.62 2.06 -3.03
CA SER A 28 2.42 2.37 -2.27
C SER A 28 1.54 1.14 -2.10
N LEU A 29 1.44 0.35 -3.17
CA LEU A 29 0.62 -0.85 -3.12
C LEU A 29 1.13 -1.81 -2.06
N ILE A 30 2.44 -1.90 -1.92
CA ILE A 30 3.05 -2.78 -0.93
C ILE A 30 2.75 -2.28 0.48
N VAL A 31 2.75 -0.97 0.64
CA VAL A 31 2.47 -0.38 1.95
C VAL A 31 1.02 -0.60 2.33
N THR A 32 0.11 -0.34 1.39
CA THR A 32 -1.31 -0.51 1.64
C THR A 32 -1.61 -1.98 1.95
N TYR A 33 -0.84 -2.88 1.35
CA TYR A 33 -1.03 -4.31 1.57
C TYR A 33 -0.72 -4.67 3.02
N CYS A 34 0.45 -4.23 3.49
CA CYS A 34 0.87 -4.51 4.86
C CYS A 34 -0.15 -3.94 5.85
N ILE A 35 -0.76 -2.81 5.49
CA ILE A 35 -1.74 -2.17 6.35
C ILE A 35 -3.01 -3.00 6.43
N ASN A 36 -3.48 -3.46 5.27
CA ASN A 36 -4.68 -4.29 5.22
C ASN A 36 -4.57 -5.48 6.17
N ALA A 37 -3.40 -6.09 6.19
CA ALA A 37 -3.16 -7.24 7.05
C ALA A 37 -3.21 -6.82 8.52
N LYS A 38 -2.57 -5.69 8.82
CA LYS A 38 -2.54 -5.19 10.19
C LYS A 38 -3.95 -4.88 10.68
N ALA A 39 -4.82 -4.50 9.74
CA ALA A 39 -6.21 -4.17 10.09
C ALA A 39 -7.07 -5.42 10.05
N ASP A 40 -6.60 -6.45 9.36
CA ASP A 40 -7.34 -7.70 9.27
C ASP A 40 -7.15 -8.54 10.52
N VAL A 41 -6.06 -8.25 11.25
CA VAL A 41 -5.77 -8.98 12.49
C VAL A 41 -6.73 -8.55 13.59
N LEU A 42 -7.33 -7.37 13.42
CA LEU A 42 -8.27 -6.85 14.42
C LEU A 42 -9.70 -7.17 14.04
N PHE A 43 -10.09 -6.75 12.85
CA PHE A 43 -11.45 -6.98 12.37
C PHE A 43 -11.57 -8.39 11.80
N ILE A 44 -10.81 -9.32 12.36
CA ILE A 44 -10.83 -10.71 11.92
C ILE A 44 -12.24 -11.12 11.53
N ALA A 45 -12.98 -11.64 12.50
CA ALA A 45 -14.36 -12.07 12.24
C ALA A 45 -15.26 -10.85 12.04
N PRO A 46 -16.40 -11.06 11.42
CA PRO A 46 -17.37 -9.97 11.15
C PRO A 46 -18.00 -9.41 12.44
N ARG A 47 -18.75 -8.32 12.31
CA ARG A 47 -19.38 -7.70 13.46
C ARG A 47 -20.41 -8.64 14.09
N GLU A 48 -20.21 -8.96 15.36
CA GLU A 48 -21.10 -9.87 16.06
C GLU A 48 -22.56 -9.43 15.87
N PRO A 49 -23.47 -10.36 15.94
CA PRO A 49 -24.93 -10.07 15.79
C PRO A 49 -25.48 -9.20 16.91
N GLY A 50 -24.71 -9.08 17.98
CA GLY A 50 -25.12 -8.26 19.12
C GLY A 50 -25.87 -9.10 20.16
N ALA A 51 -26.69 -10.03 19.67
CA ALA A 51 -27.47 -10.89 20.56
C ALA A 51 -28.41 -10.05 21.42
N VAL A 52 -29.70 -10.37 21.36
CA VAL A 52 -30.70 -9.64 22.14
C VAL A 52 -30.70 -10.12 23.59
N SER A 53 -30.77 -9.18 24.52
CA SER A 53 -30.79 -9.53 25.94
C SER A 53 -32.11 -10.19 26.32
N TYR A 54 -32.06 -11.12 27.26
CA TYR A 54 -33.25 -11.82 27.70
C TYR A 54 -32.93 -12.73 28.90
N ALA A 9 16.49 14.80 -25.42
CA ALA A 9 16.45 14.29 -24.03
C ALA A 9 15.00 14.18 -23.57
N SER A 10 14.08 14.64 -24.42
CA SER A 10 12.66 14.59 -24.09
C SER A 10 12.21 13.15 -23.88
N LYS A 11 12.77 12.24 -24.66
CA LYS A 11 12.43 10.83 -24.55
C LYS A 11 12.97 10.24 -23.25
N GLU A 12 14.15 10.70 -22.84
CA GLU A 12 14.75 10.22 -21.61
C GLU A 12 13.93 10.66 -20.40
N LEU A 13 13.57 11.93 -20.38
CA LEU A 13 12.78 12.47 -19.27
C LEU A 13 11.45 11.74 -19.16
N GLU A 14 10.89 11.35 -20.31
CA GLU A 14 9.62 10.64 -20.34
C GLU A 14 9.76 9.27 -19.68
N LEU A 15 10.72 8.50 -20.15
CA LEU A 15 10.96 7.16 -19.60
C LEU A 15 11.25 7.25 -18.10
N ILE A 16 12.07 8.22 -17.72
CA ILE A 16 12.43 8.40 -16.32
C ILE A 16 11.18 8.51 -15.46
N THR A 17 10.28 9.42 -15.83
CA THR A 17 9.06 9.63 -15.08
C THR A 17 8.17 8.39 -15.15
N LEU A 18 8.09 7.78 -16.33
CA LEU A 18 7.28 6.58 -16.50
C LEU A 18 7.68 5.51 -15.49
N THR A 19 8.99 5.31 -15.32
CA THR A 19 9.48 4.32 -14.39
C THR A 19 9.10 4.70 -12.96
N VAL A 20 9.33 5.96 -12.60
CA VAL A 20 9.00 6.44 -11.27
C VAL A 20 7.51 6.31 -11.00
N GLY A 21 6.71 6.35 -12.06
CA GLY A 21 5.26 6.24 -11.92
C GLY A 21 4.86 4.81 -11.58
N PHE A 22 5.39 3.86 -12.33
CA PHE A 22 5.09 2.44 -12.10
C PHE A 22 5.77 1.96 -10.82
N GLY A 23 6.95 2.50 -10.54
CA GLY A 23 7.69 2.11 -9.35
C GLY A 23 7.03 2.66 -8.09
N ILE A 24 6.47 3.86 -8.19
CA ILE A 24 5.80 4.48 -7.06
C ILE A 24 4.50 3.75 -6.75
N LEU A 25 3.80 3.34 -7.80
CA LEU A 25 2.53 2.62 -7.63
C LEU A 25 2.74 1.34 -6.84
N ILE A 26 3.75 0.56 -7.25
CA ILE A 26 4.06 -0.69 -6.59
C ILE A 26 4.40 -0.45 -5.12
N PHE A 27 5.18 0.60 -4.87
CA PHE A 27 5.58 0.93 -3.51
C PHE A 27 4.35 1.26 -2.66
N SER A 28 3.46 2.08 -3.19
CA SER A 28 2.25 2.46 -2.48
C SER A 28 1.39 1.23 -2.22
N LEU A 29 1.21 0.40 -3.25
CA LEU A 29 0.40 -0.81 -3.11
C LEU A 29 0.93 -1.68 -1.97
N ILE A 30 2.25 -1.76 -1.85
CA ILE A 30 2.87 -2.56 -0.81
C ILE A 30 2.53 -2.00 0.57
N VAL A 31 2.49 -0.68 0.67
CA VAL A 31 2.17 -0.03 1.93
C VAL A 31 0.71 -0.28 2.31
N THR A 32 -0.18 -0.12 1.34
CA THR A 32 -1.60 -0.33 1.58
C THR A 32 -1.87 -1.78 1.93
N TYR A 33 -1.06 -2.68 1.39
CA TYR A 33 -1.23 -4.11 1.66
C TYR A 33 -0.84 -4.43 3.10
N CYS A 34 0.32 -3.94 3.51
CA CYS A 34 0.81 -4.17 4.87
C CYS A 34 -0.17 -3.61 5.90
N ILE A 35 -0.77 -2.47 5.57
CA ILE A 35 -1.73 -1.83 6.47
C ILE A 35 -2.97 -2.70 6.62
N ASN A 36 -3.50 -3.17 5.50
CA ASN A 36 -4.69 -4.01 5.52
C ASN A 36 -4.44 -5.28 6.33
N ALA A 37 -3.28 -5.89 6.11
CA ALA A 37 -2.93 -7.12 6.82
C ALA A 37 -2.94 -6.88 8.32
N LYS A 38 -2.41 -5.73 8.75
CA LYS A 38 -2.36 -5.40 10.16
C LYS A 38 -3.76 -5.13 10.70
N ALA A 39 -4.64 -4.66 9.83
CA ALA A 39 -6.01 -4.36 10.22
C ALA A 39 -6.86 -5.63 10.23
N ASP A 40 -6.41 -6.63 9.48
CA ASP A 40 -7.13 -7.89 9.41
C ASP A 40 -6.83 -8.76 10.64
N VAL A 41 -5.60 -8.71 11.10
CA VAL A 41 -5.19 -9.49 12.27
C VAL A 41 -6.13 -9.22 13.45
N LEU A 42 -6.77 -8.05 13.43
CA LEU A 42 -7.68 -7.69 14.50
C LEU A 42 -9.13 -8.01 14.11
N PHE A 43 -9.55 -7.46 12.98
CA PHE A 43 -10.92 -7.69 12.50
C PHE A 43 -11.01 -9.04 11.78
N ILE A 44 -9.95 -9.84 11.91
CA ILE A 44 -9.93 -11.15 11.27
C ILE A 44 -10.14 -11.00 9.76
N ALA A 45 -11.38 -10.68 9.37
CA ALA A 45 -11.70 -10.53 7.96
C ALA A 45 -11.71 -9.05 7.58
N PRO A 46 -11.59 -8.77 6.31
CA PRO A 46 -11.59 -7.37 5.78
C PRO A 46 -12.95 -6.69 5.95
N ARG A 47 -13.12 -5.56 5.28
CA ARG A 47 -14.38 -4.82 5.37
C ARG A 47 -15.07 -4.78 4.01
N GLU A 48 -16.29 -5.31 3.94
CA GLU A 48 -17.04 -5.32 2.69
C GLU A 48 -17.13 -3.92 2.11
N PRO A 49 -17.30 -3.81 0.82
CA PRO A 49 -17.42 -2.51 0.11
C PRO A 49 -18.69 -1.77 0.49
N GLY A 50 -18.56 -0.77 1.35
CA GLY A 50 -19.72 0.02 1.78
C GLY A 50 -20.36 -0.59 3.02
N ALA A 51 -19.65 -1.53 3.65
CA ALA A 51 -20.16 -2.19 4.84
C ALA A 51 -20.85 -1.18 5.75
N VAL A 52 -22.17 -1.33 5.91
CA VAL A 52 -22.94 -0.43 6.76
C VAL A 52 -22.71 -0.75 8.23
N SER A 53 -22.36 0.27 9.01
CA SER A 53 -22.12 0.09 10.43
C SER A 53 -23.42 -0.25 11.16
N TYR A 54 -23.49 -1.47 11.70
CA TYR A 54 -24.68 -1.90 12.42
C TYR A 54 -24.69 -1.33 13.83
N ALA A 9 16.99 15.99 -24.42
CA ALA A 9 16.56 14.72 -25.06
C ALA A 9 15.04 14.58 -24.95
N SER A 10 14.52 14.76 -23.74
CA SER A 10 13.08 14.66 -23.51
C SER A 10 12.67 13.19 -23.51
N LYS A 11 12.98 12.48 -24.58
CA LYS A 11 12.64 11.07 -24.68
C LYS A 11 13.16 10.29 -23.47
N GLU A 12 14.37 10.61 -23.05
CA GLU A 12 14.98 9.95 -21.91
C GLU A 12 14.23 10.30 -20.63
N LEU A 13 13.92 11.58 -20.46
CA LEU A 13 13.20 12.04 -19.27
C LEU A 13 11.81 11.41 -19.21
N GLU A 14 11.17 11.27 -20.37
CA GLU A 14 9.86 10.67 -20.43
C GLU A 14 9.89 9.23 -19.91
N LEU A 15 10.91 8.48 -20.31
CA LEU A 15 11.05 7.11 -19.85
C LEU A 15 11.22 7.05 -18.35
N ILE A 16 12.19 7.81 -17.83
CA ILE A 16 12.45 7.83 -16.40
C ILE A 16 11.18 8.22 -15.63
N THR A 17 10.41 9.14 -16.20
CA THR A 17 9.18 9.59 -15.56
C THR A 17 8.19 8.43 -15.42
N LEU A 18 8.00 7.70 -16.51
CA LEU A 18 7.08 6.57 -16.50
C LEU A 18 7.50 5.53 -15.46
N THR A 19 8.81 5.28 -15.40
CA THR A 19 9.35 4.31 -14.45
C THR A 19 9.11 4.78 -13.02
N VAL A 20 9.36 6.07 -12.77
CA VAL A 20 9.17 6.64 -11.45
C VAL A 20 7.70 6.55 -11.03
N GLY A 21 6.81 6.71 -12.00
CA GLY A 21 5.38 6.65 -11.72
C GLY A 21 4.94 5.24 -11.37
N PHE A 22 5.41 4.27 -12.16
CA PHE A 22 5.06 2.87 -11.91
C PHE A 22 5.71 2.38 -10.62
N GLY A 23 6.88 2.94 -10.31
CA GLY A 23 7.60 2.54 -9.09
C GLY A 23 6.91 3.08 -7.85
N ILE A 24 6.34 4.28 -7.96
CA ILE A 24 5.64 4.89 -6.84
C ILE A 24 4.33 4.15 -6.55
N LEU A 25 3.67 3.69 -7.61
CA LEU A 25 2.41 2.96 -7.46
C LEU A 25 2.66 1.61 -6.78
N ILE A 26 3.68 0.91 -7.24
CA ILE A 26 4.02 -0.40 -6.67
C ILE A 26 4.35 -0.27 -5.20
N PHE A 27 5.06 0.80 -4.84
CA PHE A 27 5.44 1.04 -3.46
C PHE A 27 4.20 1.32 -2.60
N SER A 28 3.31 2.16 -3.12
CA SER A 28 2.10 2.51 -2.40
C SER A 28 1.22 1.29 -2.21
N LEU A 29 1.10 0.48 -3.26
CA LEU A 29 0.28 -0.73 -3.21
C LEU A 29 0.74 -1.63 -2.07
N ILE A 30 2.05 -1.76 -1.91
CA ILE A 30 2.61 -2.59 -0.84
C ILE A 30 2.26 -2.03 0.53
N VAL A 31 2.29 -0.71 0.63
CA VAL A 31 1.97 -0.05 1.89
C VAL A 31 0.51 -0.31 2.28
N THR A 32 -0.39 -0.11 1.33
CA THR A 32 -1.82 -0.33 1.58
C THR A 32 -2.08 -1.80 1.91
N TYR A 33 -1.28 -2.68 1.32
CA TYR A 33 -1.43 -4.12 1.56
C TYR A 33 -1.00 -4.47 2.98
N CYS A 34 0.20 -4.02 3.36
CA CYS A 34 0.72 -4.29 4.70
C CYS A 34 -0.24 -3.80 5.76
N ILE A 35 -0.93 -2.69 5.47
CA ILE A 35 -1.87 -2.12 6.41
C ILE A 35 -3.09 -3.03 6.58
N ASN A 36 -3.62 -3.50 5.46
CA ASN A 36 -4.78 -4.37 5.48
C ASN A 36 -4.50 -5.61 6.34
N ALA A 37 -3.27 -6.12 6.24
CA ALA A 37 -2.89 -7.31 7.00
C ALA A 37 -2.83 -6.99 8.49
N LYS A 38 -2.22 -5.85 8.83
CA LYS A 38 -2.10 -5.45 10.22
C LYS A 38 -3.48 -5.20 10.83
N ALA A 39 -4.43 -4.82 9.99
CA ALA A 39 -5.78 -4.54 10.45
C ALA A 39 -6.62 -5.82 10.44
N ASP A 40 -6.14 -6.83 9.71
CA ASP A 40 -6.85 -8.09 9.62
C ASP A 40 -6.70 -8.89 10.92
N VAL A 41 -5.46 -9.02 11.38
CA VAL A 41 -5.20 -9.75 12.62
C VAL A 41 -6.09 -9.23 13.74
N LEU A 42 -6.81 -8.16 13.48
CA LEU A 42 -7.70 -7.57 14.47
C LEU A 42 -9.14 -7.97 14.20
N PHE A 43 -9.62 -7.67 13.00
CA PHE A 43 -10.99 -8.00 12.63
C PHE A 43 -11.10 -9.47 12.23
N ILE A 44 -9.96 -10.16 12.21
CA ILE A 44 -9.95 -11.57 11.84
C ILE A 44 -9.48 -12.43 13.02
N ALA A 45 -8.36 -13.13 12.83
CA ALA A 45 -7.82 -13.97 13.89
C ALA A 45 -7.65 -13.19 15.17
N PRO A 46 -7.52 -13.87 16.27
CA PRO A 46 -7.34 -13.23 17.61
C PRO A 46 -6.41 -12.01 17.55
N ARG A 47 -6.61 -11.08 18.47
CA ARG A 47 -5.80 -9.87 18.51
C ARG A 47 -4.45 -10.15 19.16
N GLU A 48 -3.39 -9.66 18.54
CA GLU A 48 -2.04 -9.87 19.07
C GLU A 48 -1.71 -8.80 20.11
N PRO A 49 -0.87 -9.15 21.05
CA PRO A 49 -0.45 -8.22 22.13
C PRO A 49 0.38 -7.05 21.61
N GLY A 50 0.69 -7.09 20.31
CA GLY A 50 1.48 -6.02 19.70
C GLY A 50 2.86 -6.53 19.31
N ALA A 51 3.11 -7.81 19.59
CA ALA A 51 4.41 -8.40 19.26
C ALA A 51 5.53 -7.66 19.98
N VAL A 52 5.17 -6.93 21.03
CA VAL A 52 6.16 -6.18 21.80
C VAL A 52 7.25 -7.11 22.31
N SER A 53 8.50 -6.65 22.24
CA SER A 53 9.63 -7.45 22.70
C SER A 53 9.28 -8.14 24.02
N TYR A 54 9.90 -9.30 24.25
CA TYR A 54 9.66 -10.04 25.48
C TYR A 54 10.81 -9.85 26.46
N ALA A 9 12.88 13.87 -28.23
CA ALA A 9 13.64 14.55 -27.14
C ALA A 9 12.92 14.35 -25.81
N SER A 10 11.69 14.85 -25.73
CA SER A 10 10.90 14.72 -24.51
C SER A 10 10.69 13.25 -24.16
N LYS A 11 11.18 12.37 -25.02
CA LYS A 11 11.05 10.93 -24.79
C LYS A 11 11.85 10.51 -23.57
N GLU A 12 12.99 11.16 -23.35
CA GLU A 12 13.83 10.83 -22.21
C GLU A 12 13.17 11.26 -20.90
N LEU A 13 12.57 12.45 -20.91
CA LEU A 13 11.90 12.97 -19.72
C LEU A 13 10.72 12.07 -19.34
N GLU A 14 10.00 11.61 -20.36
CA GLU A 14 8.84 10.75 -20.12
C GLU A 14 9.29 9.41 -19.55
N LEU A 15 10.36 8.85 -20.11
CA LEU A 15 10.87 7.57 -19.65
C LEU A 15 11.18 7.62 -18.16
N ILE A 16 11.82 8.69 -17.72
CA ILE A 16 12.17 8.84 -16.31
C ILE A 16 10.91 8.87 -15.45
N THR A 17 9.93 9.65 -15.88
CA THR A 17 8.68 9.76 -15.14
C THR A 17 7.97 8.41 -15.08
N LEU A 18 7.92 7.73 -16.21
CA LEU A 18 7.26 6.43 -16.28
C LEU A 18 7.95 5.44 -15.32
N THR A 19 9.28 5.45 -15.34
CA THR A 19 10.04 4.54 -14.49
C THR A 19 9.74 4.83 -13.02
N VAL A 20 9.70 6.11 -12.66
CA VAL A 20 9.43 6.51 -11.29
C VAL A 20 7.96 6.25 -10.94
N GLY A 21 7.12 6.18 -11.96
CA GLY A 21 5.71 5.94 -11.76
C GLY A 21 5.44 4.49 -11.36
N PHE A 22 6.13 3.58 -12.02
CA PHE A 22 5.96 2.17 -11.74
C PHE A 22 6.65 1.80 -10.44
N GLY A 23 7.74 2.51 -10.14
CA GLY A 23 8.47 2.25 -8.91
C GLY A 23 7.72 2.80 -7.71
N ILE A 24 7.09 3.95 -7.89
CA ILE A 24 6.34 4.56 -6.80
C ILE A 24 5.09 3.74 -6.49
N LEU A 25 4.45 3.24 -7.52
CA LEU A 25 3.25 2.42 -7.35
C LEU A 25 3.58 1.13 -6.62
N ILE A 26 4.69 0.52 -7.01
CA ILE A 26 5.12 -0.74 -6.38
C ILE A 26 5.37 -0.54 -4.90
N PHE A 27 5.97 0.59 -4.55
CA PHE A 27 6.25 0.89 -3.16
C PHE A 27 4.96 1.04 -2.35
N SER A 28 4.00 1.75 -2.92
CA SER A 28 2.72 1.96 -2.26
C SER A 28 1.95 0.65 -2.15
N LEU A 29 2.00 -0.17 -3.21
CA LEU A 29 1.31 -1.43 -3.22
C LEU A 29 1.78 -2.30 -2.06
N ILE A 30 3.08 -2.28 -1.80
CA ILE A 30 3.64 -3.08 -0.71
C ILE A 30 3.15 -2.56 0.64
N VAL A 31 3.08 -1.25 0.77
CA VAL A 31 2.63 -0.63 2.02
C VAL A 31 1.15 -0.91 2.24
N THR A 32 0.35 -0.64 1.21
CA THR A 32 -1.10 -0.86 1.30
C THR A 32 -1.39 -2.32 1.65
N TYR A 33 -0.53 -3.21 1.19
CA TYR A 33 -0.70 -4.64 1.46
C TYR A 33 -0.52 -4.93 2.94
N CYS A 34 0.58 -4.43 3.50
CA CYS A 34 0.87 -4.64 4.92
C CYS A 34 -0.27 -4.10 5.78
N ILE A 35 -0.90 -3.02 5.32
CA ILE A 35 -2.00 -2.42 6.06
C ILE A 35 -3.26 -3.27 5.93
N ASN A 36 -3.50 -3.77 4.72
CA ASN A 36 -4.68 -4.60 4.48
C ASN A 36 -4.67 -5.84 5.39
N ALA A 37 -3.48 -6.30 5.72
CA ALA A 37 -3.34 -7.47 6.59
C ALA A 37 -3.58 -7.10 8.04
N LYS A 38 -2.92 -6.04 8.49
CA LYS A 38 -3.07 -5.58 9.87
C LYS A 38 -4.50 -5.11 10.12
N ALA A 39 -5.21 -4.80 9.04
CA ALA A 39 -6.59 -4.33 9.16
C ALA A 39 -7.48 -5.41 9.80
N ASP A 40 -6.95 -6.62 9.86
CA ASP A 40 -7.69 -7.74 10.44
C ASP A 40 -8.08 -7.43 11.87
N VAL A 41 -7.31 -6.57 12.51
CA VAL A 41 -7.58 -6.19 13.89
C VAL A 41 -8.82 -5.31 13.98
N LEU A 42 -9.08 -4.57 12.90
CA LEU A 42 -10.24 -3.67 12.86
C LEU A 42 -11.51 -4.44 12.58
N PHE A 43 -11.36 -5.48 11.79
CA PHE A 43 -12.50 -6.32 11.43
C PHE A 43 -12.84 -7.29 12.54
N ILE A 44 -11.86 -7.58 13.37
CA ILE A 44 -12.04 -8.49 14.49
C ILE A 44 -12.40 -7.71 15.75
N ALA A 45 -11.40 -7.06 16.33
CA ALA A 45 -11.62 -6.29 17.55
C ALA A 45 -12.52 -5.09 17.27
N PRO A 46 -13.10 -4.51 18.30
CA PRO A 46 -13.99 -3.33 18.16
C PRO A 46 -13.49 -2.34 17.11
N ARG A 47 -14.43 -1.70 16.42
CA ARG A 47 -14.08 -0.73 15.38
C ARG A 47 -14.38 0.68 15.86
N GLU A 48 -13.40 1.57 15.71
CA GLU A 48 -13.57 2.95 16.12
C GLU A 48 -13.81 3.85 14.91
N PRO A 49 -14.36 5.01 15.12
CA PRO A 49 -14.64 5.99 14.03
C PRO A 49 -13.37 6.50 13.38
N GLY A 50 -13.52 7.38 12.39
CA GLY A 50 -12.38 7.95 11.69
C GLY A 50 -12.39 7.55 10.21
N ALA A 51 -13.58 7.32 9.68
CA ALA A 51 -13.72 6.93 8.28
C ALA A 51 -12.66 5.90 7.91
N VAL A 52 -13.03 4.63 7.99
CA VAL A 52 -12.10 3.55 7.65
C VAL A 52 -12.67 2.67 6.54
N SER A 53 -11.82 2.33 5.57
CA SER A 53 -12.25 1.49 4.46
C SER A 53 -13.65 1.91 3.97
N TYR A 54 -13.68 2.77 2.97
CA TYR A 54 -14.96 3.24 2.42
C TYR A 54 -15.22 2.61 1.06
N ALA A 9 14.40 13.48 -28.17
CA ALA A 9 13.23 14.40 -28.12
C ALA A 9 12.62 14.37 -26.72
N SER A 10 13.46 14.54 -25.71
CA SER A 10 13.00 14.54 -24.32
C SER A 10 12.44 13.16 -23.96
N LYS A 11 12.58 12.21 -24.88
CA LYS A 11 12.09 10.85 -24.64
C LYS A 11 12.84 10.22 -23.48
N GLU A 12 14.08 10.64 -23.29
CA GLU A 12 14.91 10.10 -22.21
C GLU A 12 14.26 10.34 -20.86
N LEU A 13 13.91 11.59 -20.58
CA LEU A 13 13.29 11.95 -19.31
C LEU A 13 11.89 11.35 -19.23
N GLU A 14 11.16 11.41 -20.33
CA GLU A 14 9.79 10.87 -20.36
C GLU A 14 9.79 9.43 -19.88
N LEU A 15 10.76 8.65 -20.34
CA LEU A 15 10.85 7.24 -19.96
C LEU A 15 11.14 7.12 -18.46
N ILE A 16 12.15 7.85 -18.00
CA ILE A 16 12.53 7.81 -16.60
C ILE A 16 11.34 8.23 -15.72
N THR A 17 10.58 9.19 -16.20
CA THR A 17 9.42 9.68 -15.45
C THR A 17 8.37 8.58 -15.33
N LEU A 18 8.07 7.93 -16.45
CA LEU A 18 7.08 6.85 -16.46
C LEU A 18 7.50 5.73 -15.50
N THR A 19 8.80 5.48 -15.43
CA THR A 19 9.32 4.44 -14.55
C THR A 19 9.13 4.83 -13.09
N VAL A 20 9.50 6.06 -12.76
CA VAL A 20 9.37 6.54 -11.39
C VAL A 20 7.93 6.43 -10.91
N GLY A 21 7.00 6.70 -11.81
CA GLY A 21 5.58 6.64 -11.47
C GLY A 21 5.15 5.21 -11.20
N PHE A 22 5.62 4.30 -12.03
CA PHE A 22 5.29 2.89 -11.88
C PHE A 22 5.91 2.34 -10.61
N GLY A 23 7.08 2.87 -10.26
CA GLY A 23 7.78 2.44 -9.05
C GLY A 23 7.08 2.96 -7.80
N ILE A 24 6.53 4.16 -7.92
CA ILE A 24 5.82 4.76 -6.78
C ILE A 24 4.52 4.04 -6.52
N LEU A 25 3.89 3.57 -7.59
CA LEU A 25 2.62 2.85 -7.47
C LEU A 25 2.83 1.52 -6.76
N ILE A 26 3.90 0.82 -7.12
CA ILE A 26 4.21 -0.47 -6.52
C ILE A 26 4.48 -0.30 -5.02
N PHE A 27 5.16 0.78 -4.67
CA PHE A 27 5.49 1.05 -3.27
C PHE A 27 4.22 1.36 -2.48
N SER A 28 3.38 2.20 -3.04
CA SER A 28 2.13 2.57 -2.37
C SER A 28 1.23 1.35 -2.22
N LEU A 29 1.25 0.47 -3.21
CA LEU A 29 0.44 -0.72 -3.16
C LEU A 29 0.86 -1.60 -2.00
N ILE A 30 2.17 -1.74 -1.81
CA ILE A 30 2.69 -2.58 -0.74
C ILE A 30 2.33 -1.99 0.62
N VAL A 31 2.25 -0.67 0.67
CA VAL A 31 1.92 0.02 1.91
C VAL A 31 0.47 -0.26 2.31
N THR A 32 -0.44 -0.05 1.37
CA THR A 32 -1.86 -0.27 1.63
C THR A 32 -2.11 -1.76 1.90
N TYR A 33 -1.32 -2.62 1.27
CA TYR A 33 -1.47 -4.06 1.46
C TYR A 33 -1.12 -4.44 2.89
N CYS A 34 0.04 -4.00 3.35
CA CYS A 34 0.49 -4.31 4.71
C CYS A 34 -0.54 -3.80 5.73
N ILE A 35 -1.19 -2.69 5.41
CA ILE A 35 -2.18 -2.11 6.31
C ILE A 35 -3.45 -2.98 6.34
N ASN A 36 -3.89 -3.41 5.17
CA ASN A 36 -5.09 -4.24 5.07
C ASN A 36 -4.87 -5.58 5.76
N ALA A 37 -3.65 -6.09 5.67
CA ALA A 37 -3.33 -7.38 6.29
C ALA A 37 -3.29 -7.25 7.81
N LYS A 38 -2.58 -6.24 8.29
CA LYS A 38 -2.47 -6.01 9.73
C LYS A 38 -3.86 -5.77 10.34
N ALA A 39 -4.78 -5.28 9.52
CA ALA A 39 -6.13 -5.01 9.99
C ALA A 39 -6.77 -6.29 10.53
N ASP A 40 -6.26 -7.43 10.09
CA ASP A 40 -6.80 -8.72 10.52
C ASP A 40 -6.19 -9.13 11.86
N VAL A 41 -5.21 -8.37 12.31
CA VAL A 41 -4.56 -8.66 13.58
C VAL A 41 -5.05 -7.71 14.67
N LEU A 42 -5.44 -6.52 14.26
CA LEU A 42 -5.94 -5.52 15.21
C LEU A 42 -7.45 -5.55 15.31
N PHE A 43 -8.09 -5.38 14.19
CA PHE A 43 -9.55 -5.39 14.13
C PHE A 43 -10.09 -6.81 14.05
N ILE A 44 -9.35 -7.73 14.63
CA ILE A 44 -9.74 -9.14 14.63
C ILE A 44 -11.25 -9.27 14.86
N ALA A 45 -11.62 -9.35 16.13
CA ALA A 45 -13.03 -9.48 16.49
C ALA A 45 -13.72 -8.12 16.48
N PRO A 46 -15.02 -8.09 16.43
CA PRO A 46 -15.81 -6.83 16.42
C PRO A 46 -15.74 -6.10 17.76
N ARG A 47 -16.35 -4.92 17.82
CA ARG A 47 -16.35 -4.13 19.04
C ARG A 47 -17.60 -4.41 19.86
N GLU A 48 -17.43 -4.51 21.17
CA GLU A 48 -18.55 -4.79 22.06
C GLU A 48 -18.93 -3.54 22.86
N PRO A 49 -20.11 -3.52 23.43
CA PRO A 49 -20.61 -2.37 24.23
C PRO A 49 -19.53 -1.80 25.15
N GLY A 50 -19.21 -0.53 24.98
CA GLY A 50 -18.19 0.12 25.80
C GLY A 50 -16.93 -0.73 25.87
N ALA A 51 -16.46 -1.17 24.71
CA ALA A 51 -15.26 -2.00 24.64
C ALA A 51 -14.15 -1.40 25.51
N VAL A 52 -13.47 -2.26 26.26
CA VAL A 52 -12.39 -1.79 27.12
C VAL A 52 -11.04 -2.05 26.47
N SER A 53 -10.34 -0.97 26.14
CA SER A 53 -9.03 -1.07 25.51
C SER A 53 -8.15 -2.07 26.26
N TYR A 54 -7.17 -2.62 25.57
CA TYR A 54 -6.25 -3.59 26.18
C TYR A 54 -5.76 -3.08 27.53
N ALA A 9 17.72 13.27 -23.08
CA ALA A 9 16.86 13.96 -24.08
C ALA A 9 15.41 13.95 -23.61
N SER A 10 14.53 14.53 -24.42
CA SER A 10 13.12 14.58 -24.07
C SER A 10 12.58 13.18 -23.82
N LYS A 11 12.89 12.26 -24.73
CA LYS A 11 12.43 10.88 -24.60
C LYS A 11 12.98 10.25 -23.33
N GLU A 12 14.24 10.58 -23.01
CA GLU A 12 14.88 10.04 -21.81
C GLU A 12 14.11 10.44 -20.56
N LEU A 13 13.80 11.73 -20.45
CA LEU A 13 13.07 12.24 -19.29
C LEU A 13 11.67 11.61 -19.24
N GLU A 14 11.05 11.48 -20.40
CA GLU A 14 9.71 10.89 -20.47
C GLU A 14 9.71 9.48 -19.89
N LEU A 15 10.71 8.69 -20.26
CA LEU A 15 10.82 7.32 -19.77
C LEU A 15 11.05 7.32 -18.26
N ILE A 16 11.99 8.15 -17.81
CA ILE A 16 12.30 8.22 -16.38
C ILE A 16 11.04 8.54 -15.58
N THR A 17 10.21 9.42 -16.12
CA THR A 17 8.98 9.80 -15.44
C THR A 17 8.02 8.61 -15.35
N LEU A 18 7.92 7.87 -16.45
CA LEU A 18 7.04 6.70 -16.49
C LEU A 18 7.51 5.65 -15.49
N THR A 19 8.81 5.52 -15.35
CA THR A 19 9.38 4.54 -14.42
C THR A 19 9.03 4.92 -12.98
N VAL A 20 9.27 6.17 -12.62
CA VAL A 20 8.98 6.63 -11.27
C VAL A 20 7.50 6.49 -10.94
N GLY A 21 6.67 6.52 -11.97
CA GLY A 21 5.22 6.40 -11.80
C GLY A 21 4.83 4.97 -11.46
N PHE A 22 5.41 4.03 -12.18
CA PHE A 22 5.12 2.61 -11.96
C PHE A 22 5.83 2.13 -10.71
N GLY A 23 6.98 2.72 -10.43
CA GLY A 23 7.76 2.35 -9.26
C GLY A 23 7.08 2.84 -7.99
N ILE A 24 6.51 4.03 -8.07
CA ILE A 24 5.83 4.61 -6.92
C ILE A 24 4.56 3.85 -6.59
N LEU A 25 3.83 3.48 -7.64
CA LEU A 25 2.58 2.74 -7.49
C LEU A 25 2.84 1.41 -6.78
N ILE A 26 3.84 0.67 -7.26
CA ILE A 26 4.17 -0.61 -6.67
C ILE A 26 4.54 -0.44 -5.20
N PHE A 27 5.27 0.62 -4.91
CA PHE A 27 5.69 0.89 -3.53
C PHE A 27 4.47 1.13 -2.65
N SER A 28 3.55 1.96 -3.14
CA SER A 28 2.34 2.27 -2.38
C SER A 28 1.50 1.01 -2.17
N LEU A 29 1.41 0.18 -3.20
CA LEU A 29 0.65 -1.04 -3.11
C LEU A 29 1.17 -1.90 -1.97
N ILE A 30 2.49 -1.97 -1.84
CA ILE A 30 3.11 -2.78 -0.80
C ILE A 30 2.72 -2.25 0.58
N VAL A 31 2.66 -0.93 0.71
CA VAL A 31 2.29 -0.33 1.98
C VAL A 31 0.81 -0.53 2.27
N THR A 32 -0.02 -0.38 1.24
CA THR A 32 -1.46 -0.55 1.39
C THR A 32 -1.79 -1.98 1.78
N TYR A 33 -0.97 -2.92 1.31
CA TYR A 33 -1.18 -4.33 1.63
C TYR A 33 -0.83 -4.61 3.09
N CYS A 34 0.28 -4.03 3.53
CA CYS A 34 0.71 -4.22 4.91
C CYS A 34 -0.34 -3.71 5.88
N ILE A 35 -1.01 -2.61 5.49
CA ILE A 35 -2.03 -2.03 6.35
C ILE A 35 -3.23 -2.98 6.46
N ASN A 36 -3.70 -3.48 5.33
CA ASN A 36 -4.84 -4.39 5.33
C ASN A 36 -4.57 -5.56 6.26
N ALA A 37 -3.33 -6.05 6.25
CA ALA A 37 -2.96 -7.18 7.10
C ALA A 37 -3.00 -6.78 8.57
N LYS A 38 -2.42 -5.63 8.89
CA LYS A 38 -2.39 -5.14 10.26
C LYS A 38 -3.81 -4.89 10.76
N ALA A 39 -4.73 -4.62 9.84
CA ALA A 39 -6.12 -4.38 10.20
C ALA A 39 -6.91 -5.68 10.26
N ASP A 40 -6.45 -6.66 9.51
CA ASP A 40 -7.11 -7.96 9.48
C ASP A 40 -6.94 -8.67 10.82
N VAL A 41 -5.80 -8.46 11.44
CA VAL A 41 -5.52 -9.10 12.73
C VAL A 41 -6.51 -8.62 13.80
N LEU A 42 -7.24 -7.56 13.48
CA LEU A 42 -8.22 -7.03 14.42
C LEU A 42 -9.60 -7.54 14.11
N PHE A 43 -9.96 -7.50 12.85
CA PHE A 43 -11.28 -7.96 12.41
C PHE A 43 -11.33 -9.47 12.29
N ILE A 44 -10.22 -10.06 11.88
CA ILE A 44 -10.15 -11.51 11.71
C ILE A 44 -9.59 -12.15 12.98
N ALA A 45 -9.75 -11.44 14.09
CA ALA A 45 -9.25 -11.92 15.37
C ALA A 45 -9.90 -13.26 15.71
N PRO A 46 -9.31 -14.00 16.63
CA PRO A 46 -9.85 -15.33 17.05
C PRO A 46 -11.13 -15.20 17.86
N ARG A 47 -11.85 -16.31 18.00
CA ARG A 47 -13.10 -16.31 18.76
C ARG A 47 -12.80 -16.45 20.26
N GLU A 48 -13.67 -15.86 21.08
CA GLU A 48 -13.50 -15.92 22.53
C GLU A 48 -14.59 -16.76 23.17
N PRO A 49 -14.38 -17.23 24.38
CA PRO A 49 -15.38 -18.07 25.10
C PRO A 49 -16.80 -17.55 24.92
N GLY A 50 -17.00 -16.28 25.24
CA GLY A 50 -18.31 -15.67 25.12
C GLY A 50 -19.05 -15.72 26.46
N ALA A 51 -18.98 -16.86 27.13
CA ALA A 51 -19.65 -17.00 28.41
C ALA A 51 -21.15 -16.82 28.25
N VAL A 52 -21.90 -17.93 28.33
CA VAL A 52 -23.38 -17.94 28.23
C VAL A 52 -23.81 -18.72 26.98
N SER A 53 -24.27 -19.95 27.18
CA SER A 53 -24.70 -20.78 26.06
C SER A 53 -26.14 -20.45 25.67
N TYR A 54 -26.32 -19.90 24.48
CA TYR A 54 -27.64 -19.53 24.01
C TYR A 54 -28.30 -20.72 23.30
#